data_6GUC
#
_entry.id   6GUC
#
_cell.length_a   75.353
_cell.length_b   135.825
_cell.length_c   149.625
_cell.angle_alpha   90.00
_cell.angle_beta   90.00
_cell.angle_gamma   90.00
#
_symmetry.space_group_name_H-M   'P 21 21 21'
#
loop_
_entity.id
_entity.type
_entity.pdbx_description
1 polymer 'Cyclin-dependent kinase 2'
2 polymer Cyclin-A2
3 non-polymer (3Z)-3-(1H-IMIDAZOL-5-YLMETHYLENE)-5-METHOXY-1H-INDOL-2(3H)-ONE
4 water water
#
loop_
_entity_poly.entity_id
_entity_poly.type
_entity_poly.pdbx_seq_one_letter_code
_entity_poly.pdbx_strand_id
1 'polypeptide(L)'
;GPGSMENFQKVEKIGEGTYGVVYKARNKLTGEVVALKKIRLDTETEGVPSTAIREISLLKELNHPNIVKLLDVIHTENKL
YLVFEFLHQDLKKFMDASALTGIPLPLIKSYLFQLLQGLAFCHSHRVLHRDLKPQNLLINTEGAIKLADFGLARAFGVPV
RTY(TPO)HEVVTLWYRAPEILLGCKYYSTAVDIWSLGCIFAEMVTRRALFPGDSEIDQLFRIFRTLGTPDEVVWPGVTS
MPDYKPSFPKWARQDFSKVVPPLDEDGRSLLSQMLHYDPNKRISAKAALAHPFFQDVTKPVPHLRL
;
A,C
2 'polypeptide(L)'
;GVNEVPDYHEDIHTYLREMEVKCKPKVGYMKKQPDITNSMRAILVDWLVEVGEEYKLQNETLHLAVNYIDRFLSSMSVLR
GKLQLVGTAAMLLASKFEEIYPPEVAEFVYITDDTYTKKQVLRMEHLVLKVLAFDLAAPTINQFLTQYFLHQQPANCKVE
SLAMFLGELSLIDADPYLKYLPSVIAAAAFHLALYTVTGQSWPESLVQKTGYTLETLKPCLLDLHQTYLRAPQHAQQSIR
EKYKNSKYHGVSLLNPPETLNVHHHHHH
;
B,D
#
loop_
_chem_comp.id
_chem_comp.type
_chem_comp.name
_chem_comp.formula
SU9 non-polymer (3Z)-3-(1H-IMIDAZOL-5-YLMETHYLENE)-5-METHOXY-1H-INDOL-2(3H)-ONE 'C13 H11 N3 O2'
#
# COMPACT_ATOMS: atom_id res chain seq x y z
N SER A 4 -3.62 6.63 -20.95
CA SER A 4 -2.58 6.62 -19.86
C SER A 4 -1.96 8.02 -19.65
N MET A 5 -1.57 8.61 -20.79
CA MET A 5 -1.04 9.97 -20.89
C MET A 5 -2.06 11.02 -21.36
N GLU A 6 -3.35 10.65 -21.48
CA GLU A 6 -4.44 11.53 -21.99
C GLU A 6 -4.52 12.80 -21.14
N ASN A 7 -4.31 12.68 -19.83
CA ASN A 7 -4.40 13.87 -18.93
C ASN A 7 -3.20 14.85 -18.97
N PHE A 8 -2.14 14.54 -19.70
CA PHE A 8 -0.96 15.41 -19.77
C PHE A 8 -0.90 16.15 -21.11
N GLN A 9 -0.66 17.45 -21.04
CA GLN A 9 -0.38 18.27 -22.22
C GLN A 9 1.08 18.65 -22.26
N LYS A 10 1.82 18.22 -23.28
CA LYS A 10 3.22 18.60 -23.45
C LYS A 10 3.32 20.09 -23.74
N VAL A 11 4.37 20.71 -23.21
CA VAL A 11 4.55 22.16 -23.31
C VAL A 11 5.82 22.41 -24.13
N GLU A 12 6.94 21.81 -23.73
CA GLU A 12 8.23 21.97 -24.44
C GLU A 12 9.28 21.03 -23.88
N LYS A 13 10.33 20.84 -24.65
CA LYS A 13 11.46 20.03 -24.26
C LYS A 13 12.35 20.81 -23.30
N ILE A 14 12.85 20.17 -22.22
CA ILE A 14 13.70 20.87 -21.24
C ILE A 14 15.02 20.21 -20.94
N GLY A 15 15.27 19.04 -21.53
CA GLY A 15 16.42 18.28 -21.16
C GLY A 15 16.55 17.07 -22.05
N GLU A 16 17.69 16.42 -21.94
CA GLU A 16 18.06 15.30 -22.79
C GLU A 16 19.31 14.68 -22.20
N GLY A 17 19.45 13.37 -22.39
CA GLY A 17 20.67 12.67 -21.94
C GLY A 17 20.72 11.23 -22.43
N THR A 18 21.64 10.46 -21.83
CA THR A 18 21.77 8.98 -22.01
C THR A 18 20.41 8.24 -21.98
N TYR A 19 19.66 8.54 -20.93
CA TYR A 19 18.30 8.00 -20.65
C TYR A 19 17.23 8.16 -21.75
N GLY A 20 17.28 9.24 -22.53
CA GLY A 20 16.13 9.65 -23.36
C GLY A 20 15.92 11.16 -23.25
N VAL A 21 14.65 11.59 -23.16
CA VAL A 21 14.36 13.03 -23.22
C VAL A 21 13.35 13.41 -22.12
N VAL A 22 13.42 14.70 -21.69
CA VAL A 22 12.54 15.24 -20.68
C VAL A 22 11.72 16.40 -21.25
N TYR A 23 10.41 16.31 -21.02
CA TYR A 23 9.47 17.40 -21.38
C TYR A 23 8.80 18.00 -20.19
N LYS A 24 8.58 19.30 -20.24
CA LYS A 24 7.64 19.96 -19.39
C LYS A 24 6.23 19.67 -19.86
N ALA A 25 5.33 19.32 -18.92
CA ALA A 25 3.95 19.03 -19.24
C ALA A 25 3.02 19.52 -18.17
N ARG A 26 1.72 19.60 -18.47
CA ARG A 26 0.77 20.09 -17.49
C ARG A 26 -0.49 19.24 -17.34
N ASN A 27 -0.65 18.68 -16.15
CA ASN A 27 -1.85 17.84 -15.84
C ASN A 27 -3.13 18.70 -16.10
N LYS A 28 -3.96 18.25 -17.01
CA LYS A 28 -5.15 19.03 -17.40
C LYS A 28 -6.25 19.11 -16.36
N LEU A 29 -6.27 18.17 -15.43
CA LEU A 29 -7.31 18.09 -14.43
C LEU A 29 -6.95 18.81 -13.13
N THR A 30 -5.68 18.71 -12.70
CA THR A 30 -5.23 19.36 -11.47
C THR A 30 -4.51 20.70 -11.68
N GLY A 31 -3.99 20.91 -12.89
CA GLY A 31 -3.14 22.01 -13.22
C GLY A 31 -1.66 21.86 -12.85
N GLU A 32 -1.26 20.74 -12.26
CA GLU A 32 0.13 20.53 -11.86
C GLU A 32 1.03 20.51 -13.07
N VAL A 33 2.16 21.22 -12.95
CA VAL A 33 3.22 21.19 -13.94
C VAL A 33 4.20 20.09 -13.53
N VAL A 34 4.58 19.22 -14.49
CA VAL A 34 5.46 18.10 -14.27
C VAL A 34 6.54 18.02 -15.32
N ALA A 35 7.56 17.24 -15.03
CA ALA A 35 8.58 16.82 -16.00
C ALA A 35 8.38 15.35 -16.37
N LEU A 36 8.17 15.06 -17.65
CA LEU A 36 8.00 13.70 -18.16
C LEU A 36 9.28 13.18 -18.76
N LYS A 37 9.86 12.14 -18.17
CA LYS A 37 11.06 11.53 -18.67
C LYS A 37 10.61 10.31 -19.43
N LYS A 38 10.85 10.31 -20.73
CA LYS A 38 10.43 9.23 -21.59
C LYS A 38 11.62 8.31 -21.87
N ILE A 39 11.36 7.00 -21.84
CA ILE A 39 12.40 5.95 -21.99
C ILE A 39 11.88 4.95 -23.03
N THR A 45 16.64 -4.79 -28.43
CA THR A 45 16.70 -4.41 -27.02
C THR A 45 16.83 -5.58 -25.98
N GLU A 46 17.21 -5.11 -24.80
CA GLU A 46 17.48 -5.95 -23.62
C GLU A 46 16.41 -5.78 -22.51
N GLY A 47 15.20 -5.36 -22.86
CA GLY A 47 14.09 -5.13 -21.91
C GLY A 47 14.25 -3.81 -21.19
N VAL A 48 13.79 -3.70 -19.94
CA VAL A 48 13.86 -2.39 -19.28
C VAL A 48 15.33 -2.03 -18.91
N PRO A 49 15.82 -0.82 -19.28
CA PRO A 49 17.21 -0.51 -18.94
C PRO A 49 17.56 -0.53 -17.46
N SER A 50 18.74 -1.00 -17.12
CA SER A 50 19.16 -1.12 -15.70
C SER A 50 19.23 0.24 -14.99
N THR A 51 19.53 1.29 -15.72
CA THR A 51 19.52 2.64 -15.18
C THR A 51 18.10 3.10 -14.77
N ALA A 52 17.09 2.71 -15.55
CA ALA A 52 15.70 3.03 -15.19
C ALA A 52 15.22 2.20 -14.00
N ILE A 53 15.57 0.91 -13.97
CA ILE A 53 15.25 0.05 -12.84
C ILE A 53 15.81 0.60 -11.51
N ARG A 54 17.06 1.04 -11.55
CA ARG A 54 17.70 1.65 -10.37
C ARG A 54 17.04 2.97 -9.99
N GLU A 55 16.82 3.87 -10.96
CA GLU A 55 16.21 5.16 -10.66
C GLU A 55 14.86 5.02 -9.94
N ILE A 56 13.95 4.29 -10.56
CA ILE A 56 12.61 4.05 -10.04
C ILE A 56 12.62 3.36 -8.68
N SER A 57 13.34 2.23 -8.55
CA SER A 57 13.37 1.48 -7.26
C SER A 57 13.97 2.33 -6.11
N LEU A 58 15.04 3.09 -6.40
CA LEU A 58 15.70 3.88 -5.35
C LEU A 58 14.92 5.14 -4.98
N LEU A 59 14.24 5.79 -5.92
CA LEU A 59 13.44 6.95 -5.58
C LEU A 59 12.08 6.64 -4.91
N LYS A 60 11.59 5.43 -5.02
CA LYS A 60 10.41 5.01 -4.27
C LYS A 60 10.46 5.30 -2.77
N GLU A 61 11.61 5.17 -2.12
CA GLU A 61 11.75 5.46 -0.68
C GLU A 61 12.48 6.77 -0.33
N LEU A 62 12.98 7.52 -1.30
CA LEU A 62 13.70 8.74 -1.03
C LEU A 62 12.82 9.96 -1.12
N ASN A 63 11.92 10.13 -0.16
CA ASN A 63 10.98 11.25 -0.10
C ASN A 63 11.54 12.29 0.90
N HIS A 64 11.94 13.45 0.38
CA HIS A 64 12.70 14.47 1.16
C HIS A 64 12.52 15.79 0.41
N PRO A 65 12.43 16.92 1.13
CA PRO A 65 12.23 18.22 0.45
C PRO A 65 13.34 18.64 -0.52
N ASN A 66 14.54 18.11 -0.37
CA ASN A 66 15.70 18.44 -1.24
C ASN A 66 16.08 17.32 -2.23
N ILE A 67 15.14 16.39 -2.47
CA ILE A 67 15.26 15.35 -3.51
C ILE A 67 14.04 15.45 -4.44
N VAL A 68 14.27 15.53 -5.75
CA VAL A 68 13.17 15.70 -6.68
C VAL A 68 12.23 14.49 -6.58
N LYS A 69 10.92 14.72 -6.61
CA LYS A 69 9.95 13.65 -6.35
C LYS A 69 9.58 12.89 -7.60
N LEU A 70 9.59 11.55 -7.56
CA LEU A 70 8.95 10.72 -8.58
C LEU A 70 7.47 10.53 -8.25
N LEU A 71 6.59 11.09 -9.06
CA LEU A 71 5.15 11.13 -8.82
C LEU A 71 4.43 9.90 -9.35
N ASP A 72 4.85 9.34 -10.47
CA ASP A 72 4.13 8.22 -11.07
C ASP A 72 5.01 7.55 -12.15
N VAL A 73 4.66 6.34 -12.52
CA VAL A 73 5.33 5.58 -13.54
C VAL A 73 4.26 5.00 -14.46
N ILE A 74 4.35 5.31 -15.73
CA ILE A 74 3.39 4.83 -16.69
C ILE A 74 4.14 3.96 -17.67
N HIS A 75 3.94 2.67 -17.46
CA HIS A 75 4.62 1.57 -18.10
C HIS A 75 3.77 0.81 -19.07
N THR A 76 3.83 1.21 -20.32
CA THR A 76 3.05 0.55 -21.38
C THR A 76 3.81 -0.64 -22.00
N GLU A 77 3.20 -1.35 -22.94
CA GLU A 77 3.96 -2.36 -23.74
C GLU A 77 5.22 -1.78 -24.45
N ASN A 78 5.05 -0.55 -24.97
CA ASN A 78 5.95 0.17 -25.94
C ASN A 78 6.83 1.29 -25.31
N LYS A 79 6.29 2.05 -24.34
CA LYS A 79 6.99 3.17 -23.69
C LYS A 79 6.95 3.08 -22.17
N LEU A 80 7.94 3.67 -21.54
CA LEU A 80 7.94 3.85 -20.10
C LEU A 80 8.07 5.40 -19.82
N TYR A 81 7.07 5.98 -19.17
CA TYR A 81 7.12 7.40 -18.78
C TYR A 81 7.28 7.51 -17.28
N LEU A 82 8.29 8.23 -16.83
CA LEU A 82 8.41 8.62 -15.41
C LEU A 82 7.91 10.06 -15.24
N VAL A 83 6.95 10.25 -14.33
CA VAL A 83 6.33 11.55 -14.09
C VAL A 83 6.97 12.14 -12.83
N PHE A 84 7.74 13.21 -13.00
CA PHE A 84 8.53 13.82 -11.93
C PHE A 84 7.98 15.22 -11.60
N GLU A 85 8.27 15.67 -10.38
CA GLU A 85 8.09 17.08 -10.00
C GLU A 85 8.93 17.99 -10.96
N PHE A 86 8.37 19.13 -11.38
CA PHE A 86 9.05 20.12 -12.24
C PHE A 86 9.61 21.25 -11.42
N LEU A 87 10.85 21.63 -11.71
CA LEU A 87 11.51 22.82 -11.14
C LEU A 87 11.98 23.73 -12.30
N HIS A 88 11.97 25.05 -12.09
CA HIS A 88 12.20 26.07 -13.14
C HIS A 88 13.50 25.99 -13.89
N GLN A 89 14.61 25.68 -13.23
CA GLN A 89 15.91 25.80 -13.86
C GLN A 89 16.96 24.90 -13.18
N ASP A 90 18.05 24.62 -13.88
CA ASP A 90 19.23 23.95 -13.30
C ASP A 90 20.28 24.96 -12.83
N LEU A 91 21.13 24.55 -11.89
CA LEU A 91 22.06 25.47 -11.23
C LEU A 91 23.15 25.96 -12.22
N LYS A 92 23.50 25.14 -13.17
CA LYS A 92 24.43 25.56 -14.24
C LYS A 92 23.88 26.77 -15.03
N LYS A 93 22.62 26.70 -15.48
CA LYS A 93 22.02 27.87 -16.13
C LYS A 93 21.91 29.10 -15.26
N PHE A 94 21.55 28.91 -14.00
CA PHE A 94 21.49 30.04 -13.07
C PHE A 94 22.90 30.71 -12.87
N MET A 95 23.96 29.89 -12.80
CA MET A 95 25.35 30.42 -12.63
C MET A 95 25.79 31.26 -13.85
N ASP A 96 25.46 30.81 -15.06
CA ASP A 96 25.63 31.61 -16.28
C ASP A 96 24.83 32.93 -16.27
N ALA A 97 23.55 32.84 -15.96
CA ALA A 97 22.72 34.04 -15.85
C ALA A 97 23.16 35.01 -14.75
N SER A 98 24.00 34.59 -13.81
CA SER A 98 24.47 35.46 -12.74
C SER A 98 25.83 36.07 -13.02
N ALA A 99 26.21 35.97 -14.27
CA ALA A 99 27.50 36.41 -14.81
C ALA A 99 28.37 37.46 -14.11
N LEU A 100 27.96 38.71 -14.08
CA LEU A 100 28.81 39.75 -13.54
C LEU A 100 28.24 40.45 -12.33
N THR A 101 27.23 39.80 -11.79
CA THR A 101 26.52 40.23 -10.63
C THR A 101 27.12 39.38 -9.53
N GLY A 102 27.19 38.09 -9.79
CA GLY A 102 27.66 37.13 -8.83
C GLY A 102 26.42 36.57 -8.13
N ILE A 103 26.62 35.55 -7.36
CA ILE A 103 25.47 34.95 -6.62
C ILE A 103 25.65 35.39 -5.16
N PRO A 104 24.68 36.08 -4.54
CA PRO A 104 24.89 36.58 -3.17
C PRO A 104 25.29 35.48 -2.18
N LEU A 105 26.14 35.78 -1.24
CA LEU A 105 26.61 34.80 -0.24
C LEU A 105 25.49 34.09 0.55
N PRO A 106 24.42 34.82 0.96
CA PRO A 106 23.35 34.15 1.69
C PRO A 106 22.65 33.08 0.85
N LEU A 107 22.57 33.27 -0.49
CA LEU A 107 22.02 32.27 -1.39
C LEU A 107 22.93 31.08 -1.56
N ILE A 108 24.24 31.30 -1.69
CA ILE A 108 25.22 30.20 -1.77
C ILE A 108 25.14 29.32 -0.52
N LYS A 109 25.07 29.96 0.64
CA LYS A 109 25.09 29.25 1.90
C LYS A 109 23.81 28.39 2.12
N SER A 110 22.67 28.96 1.76
CA SER A 110 21.37 28.32 1.77
C SER A 110 21.38 27.13 0.82
N TYR A 111 21.87 27.33 -0.41
CA TYR A 111 21.92 26.21 -1.35
C TYR A 111 22.83 25.11 -0.85
N LEU A 112 24.03 25.43 -0.35
CA LEU A 112 24.88 24.35 0.15
C LEU A 112 24.27 23.56 1.35
N PHE A 113 23.61 24.31 2.25
CA PHE A 113 22.97 23.74 3.43
C PHE A 113 21.87 22.75 2.98
N GLN A 114 21.09 23.16 1.98
CA GLN A 114 20.04 22.31 1.44
C GLN A 114 20.60 21.04 0.73
N LEU A 115 21.70 21.20 0.00
CA LEU A 115 22.30 20.07 -0.75
C LEU A 115 22.84 19.07 0.24
N LEU A 116 23.43 19.57 1.32
CA LEU A 116 23.94 18.67 2.36
C LEU A 116 22.81 17.88 3.09
N GLN A 117 21.67 18.52 3.32
CA GLN A 117 20.50 17.80 3.93
C GLN A 117 20.04 16.68 2.98
N GLY A 118 19.92 16.97 1.69
CA GLY A 118 19.47 15.94 0.71
C GLY A 118 20.40 14.81 0.61
N LEU A 119 21.69 15.11 0.59
CA LEU A 119 22.71 14.08 0.52
C LEU A 119 22.79 13.24 1.74
N ALA A 120 22.70 13.83 2.91
CA ALA A 120 22.78 13.03 4.15
C ALA A 120 21.60 12.04 4.21
N PHE A 121 20.42 12.46 3.68
CA PHE A 121 19.24 11.60 3.65
C PHE A 121 19.50 10.38 2.72
N CYS A 122 20.08 10.65 1.52
CA CYS A 122 20.53 9.54 0.63
C CYS A 122 21.43 8.53 1.33
N HIS A 123 22.48 9.05 1.95
CA HIS A 123 23.45 8.18 2.64
C HIS A 123 22.87 7.39 3.80
N SER A 124 21.97 8.03 4.58
CA SER A 124 21.22 7.33 5.64
C SER A 124 20.28 6.25 5.11
N HIS A 125 19.95 6.28 3.81
CA HIS A 125 19.14 5.27 3.15
C HIS A 125 19.95 4.38 2.20
N ARG A 126 21.25 4.27 2.46
CA ARG A 126 22.13 3.40 1.66
C ARG A 126 22.24 3.65 0.15
N VAL A 127 22.05 4.90 -0.26
CA VAL A 127 22.17 5.29 -1.69
C VAL A 127 23.36 6.23 -1.94
N LEU A 128 24.21 5.88 -2.92
CA LEU A 128 25.25 6.80 -3.47
C LEU A 128 24.63 7.40 -4.73
N HIS A 129 24.78 8.70 -4.90
CA HIS A 129 24.27 9.39 -6.08
C HIS A 129 25.20 9.20 -7.35
N ARG A 130 26.45 9.57 -7.19
CA ARG A 130 27.55 9.30 -8.17
C ARG A 130 27.50 10.18 -9.43
N ASP A 131 26.73 11.25 -9.44
CA ASP A 131 26.82 12.20 -10.51
C ASP A 131 26.38 13.58 -10.15
N LEU A 132 26.88 14.05 -8.99
CA LEU A 132 26.50 15.40 -8.54
C LEU A 132 27.32 16.42 -9.36
N LYS A 133 26.62 17.23 -10.12
CA LYS A 133 27.21 18.30 -10.90
C LYS A 133 26.09 19.28 -11.04
N PRO A 134 26.39 20.55 -11.41
CA PRO A 134 25.41 21.63 -11.38
C PRO A 134 24.21 21.39 -12.30
N GLN A 135 24.42 20.66 -13.42
CA GLN A 135 23.30 20.30 -14.31
C GLN A 135 22.21 19.40 -13.69
N ASN A 136 22.57 18.60 -12.70
CA ASN A 136 21.67 17.68 -11.99
C ASN A 136 21.12 18.27 -10.63
N LEU A 137 21.34 19.56 -10.38
CA LEU A 137 20.77 20.27 -9.21
C LEU A 137 19.77 21.31 -9.68
N LEU A 138 18.52 21.19 -9.26
CA LEU A 138 17.43 21.99 -9.81
C LEU A 138 16.92 23.01 -8.77
N ILE A 139 16.56 24.21 -9.22
CA ILE A 139 16.15 25.31 -8.36
C ILE A 139 14.77 25.79 -8.75
N ASN A 140 14.02 26.29 -7.77
CA ASN A 140 12.70 26.91 -8.03
C ASN A 140 12.65 28.39 -7.57
N THR A 141 11.53 29.07 -7.84
CA THR A 141 11.42 30.50 -7.53
C THR A 141 11.21 30.78 -6.03
N GLU A 142 10.95 29.76 -5.21
CA GLU A 142 10.83 29.97 -3.76
C GLU A 142 12.10 29.75 -2.92
N GLY A 143 13.22 29.45 -3.57
CA GLY A 143 14.50 29.30 -2.88
C GLY A 143 14.97 27.88 -2.56
N ALA A 144 14.20 26.88 -3.05
CA ALA A 144 14.60 25.46 -2.88
C ALA A 144 15.65 25.05 -3.90
N ILE A 145 16.55 24.13 -3.52
CA ILE A 145 17.44 23.41 -4.46
C ILE A 145 17.30 21.91 -4.16
N LYS A 146 17.23 21.09 -5.23
CA LYS A 146 16.95 19.64 -5.14
C LYS A 146 17.87 18.75 -5.99
N LEU A 147 18.27 17.58 -5.44
CA LEU A 147 19.03 16.57 -6.16
C LEU A 147 18.15 15.87 -7.21
N ALA A 148 18.67 15.76 -8.44
CA ALA A 148 17.95 15.06 -9.53
C ALA A 148 18.86 14.15 -10.33
N ASP A 149 18.20 13.34 -11.15
CA ASP A 149 18.84 12.26 -11.96
C ASP A 149 19.56 11.17 -11.12
N PHE A 150 18.79 10.16 -10.71
CA PHE A 150 19.28 8.97 -9.99
C PHE A 150 19.57 7.75 -10.88
N GLY A 151 19.72 7.96 -12.20
CA GLY A 151 20.03 6.84 -13.12
C GLY A 151 21.45 6.29 -12.96
N LEU A 152 22.38 7.07 -12.38
CA LEU A 152 23.73 6.58 -12.11
C LEU A 152 23.97 6.19 -10.63
N ALA A 153 22.92 6.19 -9.84
CA ALA A 153 22.99 5.88 -8.42
C ALA A 153 23.10 4.39 -8.16
N ARG A 154 23.33 4.02 -6.89
CA ARG A 154 23.44 2.60 -6.54
C ARG A 154 23.32 2.32 -5.03
N ALA A 155 22.47 1.36 -4.69
CA ALA A 155 22.27 0.95 -3.31
C ALA A 155 23.50 0.21 -2.83
N PHE A 156 24.09 0.65 -1.74
CA PHE A 156 25.33 0.05 -1.22
C PHE A 156 25.06 -0.80 0.00
N GLY A 157 26.03 -1.67 0.30
CA GLY A 157 26.06 -2.46 1.53
C GLY A 157 27.07 -1.96 2.55
N VAL A 158 27.03 -2.51 3.77
CA VAL A 158 27.92 -2.06 4.80
C VAL A 158 28.69 -3.27 5.33
N PRO A 159 30.03 -3.29 5.21
CA PRO A 159 30.85 -2.38 4.43
C PRO A 159 30.69 -2.54 2.90
N VAL A 160 31.12 -1.53 2.15
CA VAL A 160 30.92 -1.47 0.65
C VAL A 160 31.68 -2.60 -0.02
N ARG A 161 31.27 -2.92 -1.24
CA ARG A 161 31.89 -3.93 -2.09
C ARG A 161 32.31 -3.22 -3.38
N THR A 162 33.21 -3.81 -4.16
CA THR A 162 33.66 -3.13 -5.38
C THR A 162 32.46 -2.88 -6.30
N TYR A 163 32.34 -1.65 -6.78
CA TYR A 163 31.28 -1.24 -7.69
C TYR A 163 31.89 -0.76 -9.04
N TPO A 164 31.08 -0.18 -9.92
CA TPO A 164 31.48 0.23 -11.26
CB TPO A 164 30.25 0.83 -11.99
CG2 TPO A 164 30.63 1.30 -13.37
OG1 TPO A 164 29.23 -0.18 -12.11
P TPO A 164 27.83 0.02 -11.31
O1P TPO A 164 28.23 0.15 -9.89
O2P TPO A 164 27.05 -1.27 -11.51
O3P TPO A 164 27.17 1.26 -11.91
C TPO A 164 32.61 1.26 -11.16
O TPO A 164 32.48 2.28 -10.40
N HIS A 165 33.68 1.04 -11.92
CA HIS A 165 34.82 1.95 -11.91
C HIS A 165 34.58 3.14 -12.84
N GLU A 166 35.42 4.16 -12.70
CA GLU A 166 35.40 5.39 -13.51
C GLU A 166 34.08 6.16 -13.51
N VAL A 167 33.52 6.41 -12.35
CA VAL A 167 32.20 7.00 -12.19
C VAL A 167 32.30 8.49 -11.86
N VAL A 168 31.18 9.20 -12.02
CA VAL A 168 31.15 10.61 -11.74
C VAL A 168 31.70 11.36 -12.99
N THR A 169 30.98 12.37 -13.44
CA THR A 169 31.44 13.29 -14.47
C THR A 169 32.86 13.79 -14.11
N LEU A 170 33.79 13.74 -15.06
CA LEU A 170 35.22 13.90 -14.78
C LEU A 170 35.56 15.09 -13.92
N TRP A 171 35.03 16.27 -14.21
CA TRP A 171 35.44 17.45 -13.46
C TRP A 171 35.10 17.39 -11.92
N TYR A 172 34.19 16.48 -11.57
CA TYR A 172 33.62 16.38 -10.17
C TYR A 172 34.05 15.06 -9.50
N ARG A 173 34.97 14.33 -10.14
CA ARG A 173 35.39 12.98 -9.72
C ARG A 173 36.50 12.93 -8.66
N ALA A 174 36.28 12.13 -7.61
CA ALA A 174 37.16 12.11 -6.44
C ALA A 174 38.52 11.41 -6.78
N PRO A 175 39.61 11.76 -6.05
CA PRO A 175 40.91 11.14 -6.32
C PRO A 175 40.99 9.66 -6.13
N GLU A 176 40.24 9.10 -5.18
CA GLU A 176 40.27 7.65 -4.98
C GLU A 176 39.70 6.87 -6.19
N ILE A 177 38.76 7.49 -6.95
CA ILE A 177 38.25 6.91 -8.18
C ILE A 177 39.34 7.06 -9.32
N LEU A 178 39.94 8.23 -9.42
CA LEU A 178 41.01 8.47 -10.43
C LEU A 178 42.22 7.52 -10.20
N LEU A 179 42.54 7.17 -8.94
CA LEU A 179 43.66 6.30 -8.65
C LEU A 179 43.32 4.81 -8.67
N GLY A 180 42.08 4.46 -9.02
CA GLY A 180 41.70 3.06 -9.21
C GLY A 180 41.55 2.26 -7.94
N CYS A 181 41.22 2.87 -6.79
CA CYS A 181 41.05 2.12 -5.55
C CYS A 181 39.96 1.02 -5.71
N LYS A 182 40.18 -0.10 -5.06
CA LYS A 182 39.24 -1.20 -5.07
C LYS A 182 37.87 -0.80 -4.47
N TYR A 183 37.89 0.03 -3.42
CA TYR A 183 36.65 0.49 -2.73
C TYR A 183 36.52 1.99 -2.78
N TYR A 184 35.28 2.43 -2.95
CA TYR A 184 34.93 3.85 -2.71
C TYR A 184 33.54 3.88 -2.00
N SER A 185 33.24 5.00 -1.35
CA SER A 185 32.09 5.09 -0.45
C SER A 185 31.43 6.45 -0.51
N THR A 186 30.71 6.82 0.56
CA THR A 186 29.95 8.06 0.61
C THR A 186 30.82 9.30 0.40
N ALA A 187 32.11 9.21 0.77
CA ALA A 187 33.07 10.36 0.56
C ALA A 187 33.14 10.84 -0.91
N VAL A 188 32.84 9.98 -1.89
CA VAL A 188 32.85 10.47 -3.28
C VAL A 188 31.83 11.52 -3.59
N ASP A 189 30.63 11.45 -2.96
CA ASP A 189 29.59 12.46 -3.24
C ASP A 189 29.98 13.78 -2.50
N ILE A 190 30.63 13.68 -1.33
CA ILE A 190 31.11 14.88 -0.66
C ILE A 190 32.17 15.67 -1.54
N TRP A 191 33.13 14.94 -2.12
CA TRP A 191 34.13 15.57 -3.02
C TRP A 191 33.39 16.40 -4.09
N SER A 192 32.41 15.75 -4.78
CA SER A 192 31.61 16.49 -5.77
C SER A 192 30.98 17.77 -5.24
N LEU A 193 30.36 17.69 -4.06
CA LEU A 193 29.74 18.89 -3.50
C LEU A 193 30.77 20.00 -3.13
N GLY A 194 31.97 19.61 -2.69
CA GLY A 194 33.08 20.57 -2.50
C GLY A 194 33.44 21.32 -3.79
N CYS A 195 33.55 20.56 -4.89
CA CYS A 195 33.75 21.18 -6.21
C CYS A 195 32.63 22.11 -6.54
N ILE A 196 31.38 21.73 -6.19
CA ILE A 196 30.25 22.59 -6.53
C ILE A 196 30.21 23.89 -5.65
N PHE A 197 30.59 23.78 -4.36
CA PHE A 197 30.64 24.98 -3.41
C PHE A 197 31.60 26.04 -4.05
N ALA A 198 32.81 25.59 -4.40
CA ALA A 198 33.83 26.48 -5.08
C ALA A 198 33.32 27.11 -6.32
N GLU A 199 32.62 26.33 -7.15
CA GLU A 199 32.00 26.83 -8.37
C GLU A 199 30.89 27.85 -8.19
N MET A 200 30.08 27.72 -7.17
CA MET A 200 29.08 28.75 -6.89
C MET A 200 29.77 30.09 -6.52
N VAL A 201 30.88 30.01 -5.80
CA VAL A 201 31.60 31.22 -5.31
C VAL A 201 32.32 31.93 -6.51
N THR A 202 33.02 31.15 -7.36
CA THR A 202 33.76 31.66 -8.56
C THR A 202 33.01 31.72 -9.89
N ARG A 203 32.06 30.82 -10.04
CA ARG A 203 31.28 30.73 -11.27
C ARG A 203 32.01 29.91 -12.36
N ARG A 204 33.14 29.31 -12.01
CA ARG A 204 33.89 28.50 -12.98
C ARG A 204 34.25 27.19 -12.30
N ALA A 205 34.44 26.15 -13.09
CA ALA A 205 34.72 24.83 -12.52
C ALA A 205 36.03 24.91 -11.81
N LEU A 206 36.16 24.24 -10.66
CA LEU A 206 37.41 24.23 -9.91
C LEU A 206 38.54 23.44 -10.58
N PHE A 207 38.24 22.26 -11.12
CA PHE A 207 39.26 21.37 -11.69
C PHE A 207 38.76 20.90 -13.09
N PRO A 208 38.93 21.74 -14.15
CA PRO A 208 38.37 21.36 -15.42
C PRO A 208 39.33 20.52 -16.33
N GLY A 209 39.57 19.28 -16.00
CA GLY A 209 40.51 18.46 -16.76
C GLY A 209 39.96 17.95 -18.08
N ASP A 210 40.85 17.50 -18.98
CA ASP A 210 40.39 16.86 -20.25
C ASP A 210 40.71 15.40 -20.40
N SER A 211 41.37 14.78 -19.44
CA SER A 211 41.63 13.34 -19.43
C SER A 211 41.80 13.00 -17.95
N GLU A 212 41.84 11.72 -17.63
CA GLU A 212 42.07 11.31 -16.24
C GLU A 212 43.39 11.82 -15.62
N ILE A 213 44.48 11.71 -16.39
CA ILE A 213 45.77 12.24 -15.86
C ILE A 213 45.81 13.76 -15.71
N ASP A 214 45.25 14.50 -16.68
CA ASP A 214 45.17 15.94 -16.61
C ASP A 214 44.29 16.35 -15.37
N GLN A 215 43.20 15.60 -15.14
CA GLN A 215 42.32 15.80 -13.93
C GLN A 215 43.12 15.65 -12.64
N LEU A 216 43.84 14.53 -12.49
CA LEU A 216 44.74 14.36 -11.35
C LEU A 216 45.79 15.47 -11.14
N PHE A 217 46.48 15.86 -12.23
CA PHE A 217 47.52 16.87 -12.11
C PHE A 217 46.95 18.24 -11.73
N ARG A 218 45.79 18.62 -12.23
CA ARG A 218 45.12 19.82 -11.79
C ARG A 218 44.75 19.81 -10.32
N ILE A 219 44.31 18.67 -9.84
CA ILE A 219 44.00 18.58 -8.39
C ILE A 219 45.32 18.68 -7.56
N PHE A 220 46.36 17.94 -7.95
CA PHE A 220 47.67 18.01 -7.27
C PHE A 220 48.28 19.44 -7.27
N ARG A 221 48.09 20.20 -8.35
CA ARG A 221 48.62 21.56 -8.43
C ARG A 221 47.92 22.53 -7.47
N THR A 222 46.71 22.20 -7.06
CA THR A 222 45.93 23.04 -6.15
C THR A 222 46.10 22.58 -4.72
N LEU A 223 46.10 21.26 -4.48
CA LEU A 223 46.04 20.75 -3.11
C LEU A 223 47.36 20.10 -2.65
N GLY A 224 48.39 20.13 -3.51
CA GLY A 224 49.62 19.43 -3.26
C GLY A 224 49.58 18.03 -3.73
N THR A 225 50.73 17.48 -4.17
CA THR A 225 50.80 16.06 -4.52
C THR A 225 50.75 15.26 -3.18
N PRO A 226 49.77 14.35 -3.03
CA PRO A 226 49.64 13.68 -1.69
C PRO A 226 50.73 12.61 -1.49
N ASP A 227 51.14 12.44 -0.23
CA ASP A 227 52.13 11.44 0.15
C ASP A 227 51.54 10.52 1.23
N GLU A 228 52.38 9.71 1.86
CA GLU A 228 51.94 8.79 2.92
C GLU A 228 51.57 9.50 4.23
N VAL A 229 52.11 10.69 4.49
CA VAL A 229 51.70 11.50 5.66
C VAL A 229 50.24 12.04 5.51
N VAL A 230 49.96 12.72 4.38
CA VAL A 230 48.62 13.29 4.18
C VAL A 230 47.58 12.14 3.93
N TRP A 231 47.98 11.02 3.30
CA TRP A 231 47.01 10.03 2.80
C TRP A 231 47.64 8.66 2.89
N PRO A 232 47.57 8.01 4.08
CA PRO A 232 48.21 6.69 4.21
C PRO A 232 47.68 5.65 3.20
N GLY A 233 48.57 4.89 2.60
CA GLY A 233 48.24 3.96 1.52
C GLY A 233 48.30 4.51 0.05
N VAL A 234 48.36 5.82 -0.13
CA VAL A 234 48.24 6.42 -1.48
C VAL A 234 49.26 5.82 -2.49
N THR A 235 50.49 5.61 -2.02
CA THR A 235 51.60 5.12 -2.88
C THR A 235 51.50 3.69 -3.27
N SER A 236 50.61 2.92 -2.62
CA SER A 236 50.28 1.55 -3.05
C SER A 236 49.04 1.44 -3.92
N MET A 237 48.29 2.54 -4.17
CA MET A 237 47.07 2.45 -5.01
C MET A 237 47.37 2.02 -6.46
N PRO A 238 46.43 1.29 -7.12
CA PRO A 238 46.72 0.69 -8.45
C PRO A 238 47.21 1.65 -9.53
N ASP A 239 46.70 2.89 -9.62
CA ASP A 239 47.18 3.82 -10.66
C ASP A 239 48.09 4.97 -10.17
N TYR A 240 48.59 4.86 -8.94
CA TYR A 240 49.58 5.77 -8.44
C TYR A 240 50.93 5.42 -9.16
N LYS A 241 51.68 6.43 -9.54
CA LYS A 241 53.00 6.22 -10.19
C LYS A 241 54.04 6.99 -9.41
N PRO A 242 55.19 6.35 -9.01
CA PRO A 242 56.19 7.12 -8.28
C PRO A 242 56.77 8.30 -9.09
N SER A 243 56.61 8.30 -10.42
CA SER A 243 57.06 9.44 -11.28
C SER A 243 56.14 10.64 -11.29
N PHE A 244 54.96 10.60 -10.63
CA PHE A 244 54.13 11.82 -10.50
C PHE A 244 54.96 13.01 -10.03
N PRO A 245 54.77 14.17 -10.64
CA PRO A 245 55.48 15.34 -10.12
C PRO A 245 55.02 15.68 -8.71
N LYS A 246 55.92 16.28 -7.89
CA LYS A 246 55.60 16.57 -6.49
C LYS A 246 55.36 18.08 -6.23
N TRP A 247 54.09 18.51 -6.35
CA TRP A 247 53.77 19.92 -6.31
C TRP A 247 53.47 20.28 -4.86
N ALA A 248 53.83 21.51 -4.49
CA ALA A 248 53.61 22.04 -3.15
C ALA A 248 52.14 22.39 -2.96
N ARG A 249 51.65 22.27 -1.73
CA ARG A 249 50.26 22.58 -1.42
C ARG A 249 50.05 24.08 -1.33
N GLN A 250 49.00 24.59 -1.97
CA GLN A 250 48.80 26.04 -1.98
C GLN A 250 47.87 26.67 -0.94
N ASP A 251 48.41 27.64 -0.20
CA ASP A 251 47.60 28.40 0.78
C ASP A 251 46.16 28.41 0.30
N PHE A 252 45.29 27.88 1.15
CA PHE A 252 43.88 27.76 0.81
C PHE A 252 43.09 29.00 0.54
N SER A 253 43.54 30.13 1.14
CA SER A 253 43.02 31.42 0.77
C SER A 253 43.30 31.85 -0.66
N LYS A 254 44.24 31.22 -1.37
CA LYS A 254 44.48 31.52 -2.81
C LYS A 254 43.60 30.70 -3.72
N VAL A 255 43.07 29.59 -3.22
CA VAL A 255 42.19 28.71 -4.01
C VAL A 255 40.85 29.37 -4.34
N VAL A 256 40.20 30.02 -3.37
CA VAL A 256 38.93 30.73 -3.58
C VAL A 256 39.07 32.00 -2.80
N PRO A 257 39.71 33.04 -3.43
CA PRO A 257 40.02 34.24 -2.67
C PRO A 257 38.88 34.97 -1.97
N PRO A 258 37.69 35.10 -2.60
CA PRO A 258 36.58 35.79 -1.88
C PRO A 258 36.00 35.12 -0.63
N LEU A 259 36.33 33.84 -0.37
CA LEU A 259 35.71 33.10 0.77
C LEU A 259 36.32 33.52 2.12
N ASP A 260 35.48 33.67 3.14
CA ASP A 260 35.94 34.04 4.48
C ASP A 260 36.64 32.86 5.17
N GLU A 261 36.90 32.99 6.47
CA GLU A 261 37.56 31.94 7.22
C GLU A 261 36.70 30.63 7.48
N ASP A 262 35.44 30.80 7.82
CA ASP A 262 34.56 29.62 8.09
C ASP A 262 34.32 28.79 6.78
N GLY A 263 34.02 29.53 5.70
CA GLY A 263 33.84 28.98 4.36
C GLY A 263 35.06 28.19 3.92
N ARG A 264 36.24 28.77 4.14
CA ARG A 264 37.50 28.12 3.81
C ARG A 264 37.64 26.83 4.63
N SER A 265 37.40 26.91 5.93
CA SER A 265 37.50 25.73 6.76
C SER A 265 36.59 24.55 6.23
N LEU A 266 35.34 24.88 5.90
CA LEU A 266 34.39 23.78 5.46
C LEU A 266 34.89 23.21 4.08
N LEU A 267 35.25 24.11 3.15
CA LEU A 267 35.73 23.65 1.82
C LEU A 267 36.93 22.72 1.96
N SER A 268 37.90 23.12 2.80
CA SER A 268 39.06 22.26 3.04
C SER A 268 38.72 20.90 3.63
N GLN A 269 37.67 20.84 4.44
CA GLN A 269 37.27 19.49 4.98
C GLN A 269 36.51 18.61 3.92
N MET A 270 35.83 19.24 2.97
CA MET A 270 35.13 18.53 1.93
C MET A 270 36.13 17.98 0.84
N LEU A 271 37.27 18.63 0.71
CA LEU A 271 38.30 18.28 -0.28
C LEU A 271 39.54 17.64 0.34
N HIS A 272 39.38 17.04 1.53
CA HIS A 272 40.50 16.32 2.14
C HIS A 272 40.85 15.10 1.29
N TYR A 273 42.16 14.83 1.08
CA TYR A 273 42.55 13.65 0.29
C TYR A 273 42.05 12.31 0.79
N ASP A 274 42.27 12.07 2.09
CA ASP A 274 42.02 10.79 2.67
C ASP A 274 40.46 10.64 2.84
N PRO A 275 39.82 9.69 2.12
CA PRO A 275 38.34 9.55 2.28
C PRO A 275 37.89 9.23 3.73
N ASN A 276 38.75 8.61 4.54
CA ASN A 276 38.49 8.39 5.98
C ASN A 276 38.43 9.67 6.79
N LYS A 277 39.11 10.73 6.39
CA LYS A 277 39.08 12.01 7.12
C LYS A 277 38.16 13.03 6.52
N ARG A 278 37.77 12.89 5.27
CA ARG A 278 36.86 13.84 4.62
C ARG A 278 35.55 13.97 5.48
N ILE A 279 35.04 15.18 5.63
CA ILE A 279 33.81 15.44 6.42
C ILE A 279 32.57 14.72 5.87
N SER A 280 31.68 14.21 6.73
CA SER A 280 30.37 13.65 6.25
C SER A 280 29.33 14.74 6.02
N ALA A 281 28.32 14.48 5.21
CA ALA A 281 27.19 15.45 5.04
C ALA A 281 26.50 15.79 6.36
N LYS A 282 26.26 14.76 7.16
CA LYS A 282 25.64 14.89 8.49
C LYS A 282 26.47 15.80 9.39
N ALA A 283 27.78 15.56 9.47
CA ALA A 283 28.66 16.38 10.29
C ALA A 283 28.80 17.83 9.81
N ALA A 284 28.76 18.03 8.50
CA ALA A 284 28.90 19.35 7.90
C ALA A 284 27.74 20.27 8.20
N LEU A 285 26.54 19.70 8.44
CA LEU A 285 25.38 20.59 8.74
C LEU A 285 25.55 21.42 10.03
N ALA A 286 26.42 20.94 10.90
CA ALA A 286 26.71 21.66 12.17
C ALA A 286 27.91 22.61 12.05
N HIS A 287 28.47 22.83 10.86
CA HIS A 287 29.67 23.68 10.72
C HIS A 287 29.34 25.12 11.00
N PRO A 288 30.25 25.86 11.69
CA PRO A 288 30.05 27.32 11.97
C PRO A 288 29.71 28.20 10.75
N PHE A 289 30.10 27.80 9.53
CA PHE A 289 29.69 28.54 8.32
C PHE A 289 28.20 28.75 8.22
N PHE A 290 27.42 27.81 8.73
CA PHE A 290 25.97 27.86 8.61
C PHE A 290 25.26 28.56 9.81
N GLN A 291 26.02 29.16 10.75
CA GLN A 291 25.39 29.79 11.92
C GLN A 291 24.33 30.80 11.61
N ASP A 292 24.48 31.57 10.55
CA ASP A 292 23.46 32.56 10.16
C ASP A 292 22.62 32.20 8.90
N VAL A 293 22.50 30.90 8.59
CA VAL A 293 21.85 30.51 7.34
C VAL A 293 20.36 30.87 7.35
N THR A 294 19.87 31.43 6.24
CA THR A 294 18.40 31.63 5.99
C THR A 294 18.00 30.95 4.65
N LYS A 295 16.83 31.22 4.12
CA LYS A 295 16.40 30.67 2.82
C LYS A 295 15.76 31.74 1.88
N PRO A 296 16.56 32.65 1.35
CA PRO A 296 16.00 33.67 0.45
C PRO A 296 15.62 33.07 -0.93
N VAL A 297 14.72 33.75 -1.62
CA VAL A 297 14.40 33.46 -3.01
C VAL A 297 15.56 33.83 -3.91
N PRO A 298 15.62 33.21 -5.10
CA PRO A 298 16.77 33.58 -5.92
C PRO A 298 16.54 34.93 -6.51
N HIS A 299 17.65 35.58 -6.81
CA HIS A 299 17.67 36.97 -7.17
C HIS A 299 17.23 37.24 -8.66
N LEU A 300 16.90 36.25 -9.42
CA LEU A 300 16.59 36.52 -10.77
C LEU A 300 15.31 35.90 -11.10
N VAL B 2 35.70 4.87 6.43
CA VAL B 2 34.56 5.36 5.53
C VAL B 2 33.95 4.20 4.76
N ASN B 3 34.72 3.15 4.46
CA ASN B 3 34.11 1.98 3.78
C ASN B 3 33.06 1.21 4.66
N GLU B 4 33.11 1.43 5.99
CA GLU B 4 32.17 0.93 6.99
C GLU B 4 31.15 1.98 7.42
N VAL B 5 31.12 3.13 6.73
CA VAL B 5 30.20 4.27 6.95
C VAL B 5 29.82 4.59 8.41
N PRO B 6 30.83 4.94 9.23
CA PRO B 6 30.62 5.20 10.68
C PRO B 6 29.49 6.15 11.02
N ASP B 7 29.29 7.19 10.23
CA ASP B 7 28.24 8.16 10.48
C ASP B 7 26.85 7.74 10.07
N TYR B 8 26.70 6.63 9.35
CA TYR B 8 25.37 6.26 8.81
C TYR B 8 25.00 4.82 9.15
N HIS B 9 25.92 3.98 9.62
CA HIS B 9 25.60 2.56 9.72
C HIS B 9 24.38 2.28 10.65
N GLU B 10 24.24 3.00 11.78
CA GLU B 10 22.99 2.77 12.63
C GLU B 10 21.71 3.25 11.96
N ASP B 11 21.71 4.42 11.27
CA ASP B 11 20.56 4.84 10.46
C ASP B 11 20.21 3.79 9.39
N ILE B 12 21.24 3.25 8.69
CA ILE B 12 20.99 2.25 7.63
C ILE B 12 20.36 0.98 8.22
N HIS B 13 20.95 0.51 9.32
CA HIS B 13 20.41 -0.71 10.01
C HIS B 13 18.92 -0.54 10.41
N THR B 14 18.61 0.57 11.05
CA THR B 14 17.20 0.93 11.36
C THR B 14 16.32 0.90 10.18
N TYR B 15 16.79 1.50 9.08
CA TYR B 15 16.02 1.57 7.84
C TYR B 15 15.75 0.17 7.23
N LEU B 16 16.77 -0.68 7.21
CA LEU B 16 16.63 -2.08 6.72
C LEU B 16 15.65 -2.88 7.61
N ARG B 17 15.65 -2.59 8.91
CA ARG B 17 14.74 -3.25 9.83
C ARG B 17 13.29 -2.99 9.40
N GLU B 18 12.99 -1.71 9.14
CA GLU B 18 11.65 -1.30 8.70
C GLU B 18 11.27 -1.89 7.35
N MET B 19 12.18 -1.81 6.38
CA MET B 19 11.93 -2.34 5.04
C MET B 19 11.75 -3.86 5.00
N GLU B 20 12.48 -4.66 5.84
CA GLU B 20 12.25 -6.13 5.78
C GLU B 20 10.82 -6.53 6.15
N VAL B 21 10.18 -5.80 7.05
CA VAL B 21 8.78 -6.02 7.41
C VAL B 21 7.86 -5.69 6.22
N LYS B 22 8.08 -4.59 5.54
CA LYS B 22 7.30 -4.29 4.31
C LYS B 22 7.55 -5.21 3.10
N CYS B 23 8.77 -5.70 2.88
CA CYS B 23 9.13 -6.60 1.72
C CYS B 23 8.87 -8.10 2.03
N LYS B 24 8.14 -8.37 3.13
CA LYS B 24 8.08 -9.74 3.65
C LYS B 24 7.06 -10.55 2.82
N PRO B 25 7.44 -11.71 2.29
CA PRO B 25 6.41 -12.52 1.59
C PRO B 25 5.34 -13.06 2.53
N LYS B 26 4.24 -13.57 1.98
CA LYS B 26 3.17 -14.17 2.80
C LYS B 26 3.58 -15.55 3.27
N VAL B 27 3.57 -15.74 4.60
CA VAL B 27 4.09 -16.98 5.22
C VAL B 27 3.34 -18.20 4.69
N GLY B 28 2.02 -18.10 4.51
CA GLY B 28 1.26 -19.29 4.07
C GLY B 28 0.93 -19.45 2.59
N TYR B 29 1.74 -18.86 1.69
CA TYR B 29 1.35 -18.82 0.27
C TYR B 29 1.28 -20.16 -0.45
N MET B 30 2.13 -21.12 -0.10
CA MET B 30 2.22 -22.36 -0.88
C MET B 30 0.93 -23.24 -0.81
N LYS B 31 0.24 -23.17 0.32
CA LYS B 31 -1.03 -23.88 0.46
C LYS B 31 -2.11 -23.27 -0.43
N LYS B 32 -1.98 -21.98 -0.78
CA LYS B 32 -2.92 -21.32 -1.71
C LYS B 32 -2.46 -21.44 -3.17
N GLN B 33 -1.31 -22.06 -3.45
CA GLN B 33 -0.92 -22.35 -4.83
C GLN B 33 -1.49 -23.71 -5.22
N PRO B 34 -2.42 -23.76 -6.16
CA PRO B 34 -2.97 -25.11 -6.50
C PRO B 34 -2.02 -26.09 -7.20
N ASP B 35 -1.01 -25.64 -7.93
CA ASP B 35 -0.21 -26.55 -8.79
C ASP B 35 1.26 -26.71 -8.38
N ILE B 36 1.74 -25.88 -7.45
CA ILE B 36 3.15 -25.95 -7.07
C ILE B 36 3.28 -26.20 -5.57
N THR B 37 4.46 -26.74 -5.19
CA THR B 37 4.77 -27.15 -3.82
C THR B 37 6.14 -26.64 -3.32
N ASN B 38 6.37 -26.84 -2.03
CA ASN B 38 7.64 -26.53 -1.37
C ASN B 38 8.81 -27.23 -2.08
N SER B 39 8.58 -28.49 -2.48
CA SER B 39 9.57 -29.24 -3.18
C SER B 39 9.92 -28.70 -4.56
N MET B 40 8.96 -28.29 -5.35
CA MET B 40 9.22 -27.63 -6.64
C MET B 40 9.96 -26.28 -6.47
N ARG B 41 9.62 -25.52 -5.45
CA ARG B 41 10.37 -24.27 -5.18
C ARG B 41 11.84 -24.56 -4.83
N ALA B 42 12.08 -25.64 -4.08
CA ALA B 42 13.45 -26.04 -3.72
C ALA B 42 14.26 -26.37 -4.91
N ILE B 43 13.65 -27.07 -5.87
CA ILE B 43 14.34 -27.39 -7.10
C ILE B 43 14.71 -26.11 -7.89
N LEU B 44 13.77 -25.15 -7.98
CA LEU B 44 14.04 -23.88 -8.67
C LEU B 44 15.20 -23.09 -8.02
N VAL B 45 15.18 -22.95 -6.69
CA VAL B 45 16.18 -22.16 -5.98
C VAL B 45 17.57 -22.80 -6.15
N ASP B 46 17.60 -24.15 -6.09
CA ASP B 46 18.87 -24.90 -6.30
C ASP B 46 19.45 -24.68 -7.68
N TRP B 47 18.59 -24.70 -8.70
CA TRP B 47 18.99 -24.30 -10.05
C TRP B 47 19.51 -22.83 -10.13
N LEU B 48 18.86 -21.88 -9.45
CA LEU B 48 19.39 -20.50 -9.46
C LEU B 48 20.81 -20.39 -8.84
N VAL B 49 21.08 -21.18 -7.83
CA VAL B 49 22.46 -21.27 -7.25
C VAL B 49 23.47 -21.70 -8.32
N GLU B 50 23.13 -22.76 -9.07
CA GLU B 50 23.95 -23.20 -10.21
C GLU B 50 24.14 -22.14 -11.27
N VAL B 51 23.06 -21.43 -11.62
CA VAL B 51 23.20 -20.35 -12.61
C VAL B 51 24.19 -19.27 -12.11
N GLY B 52 24.01 -18.82 -10.84
CA GLY B 52 24.89 -17.81 -10.21
C GLY B 52 26.37 -18.24 -10.20
N GLU B 53 26.60 -19.54 -9.98
CA GLU B 53 27.93 -20.15 -10.02
C GLU B 53 28.48 -20.12 -11.49
N GLU B 54 27.67 -20.50 -12.47
CA GLU B 54 28.07 -20.52 -13.90
C GLU B 54 28.43 -19.14 -14.45
N TYR B 55 27.67 -18.10 -14.11
CA TYR B 55 27.95 -16.73 -14.60
C TYR B 55 28.74 -15.84 -13.62
N LYS B 56 29.20 -16.45 -12.53
CA LYS B 56 30.02 -15.77 -11.53
C LYS B 56 29.31 -14.51 -10.97
N LEU B 57 28.04 -14.68 -10.62
CA LEU B 57 27.23 -13.58 -10.07
C LEU B 57 27.47 -13.42 -8.61
N GLN B 58 27.21 -12.22 -8.07
CA GLN B 58 27.30 -12.02 -6.63
C GLN B 58 26.30 -12.85 -5.86
N ASN B 59 26.63 -13.23 -4.62
CA ASN B 59 25.65 -13.85 -3.74
C ASN B 59 24.45 -12.94 -3.44
N GLU B 60 24.69 -11.65 -3.31
CA GLU B 60 23.55 -10.69 -3.10
C GLU B 60 22.46 -10.81 -4.20
N THR B 61 22.90 -10.95 -5.44
CA THR B 61 22.03 -11.13 -6.61
C THR B 61 21.06 -12.33 -6.46
N LEU B 62 21.62 -13.46 -6.02
CA LEU B 62 20.85 -14.68 -5.70
C LEU B 62 19.77 -14.41 -4.62
N HIS B 63 20.17 -13.80 -3.50
CA HIS B 63 19.24 -13.48 -2.39
C HIS B 63 18.07 -12.55 -2.88
N LEU B 64 18.39 -11.53 -3.67
CA LEU B 64 17.40 -10.62 -4.25
C LEU B 64 16.41 -11.38 -5.14
N ALA B 65 16.92 -12.25 -6.01
CA ALA B 65 16.05 -12.98 -6.93
C ALA B 65 15.03 -13.83 -6.16
N VAL B 66 15.49 -14.50 -5.11
CA VAL B 66 14.62 -15.27 -4.25
C VAL B 66 13.53 -14.43 -3.53
N ASN B 67 13.89 -13.24 -2.99
CA ASN B 67 12.91 -12.31 -2.38
C ASN B 67 11.81 -11.96 -3.46
N TYR B 68 12.25 -11.70 -4.70
CA TYR B 68 11.32 -11.31 -5.78
C TYR B 68 10.36 -12.46 -6.10
N ILE B 69 10.89 -13.67 -6.19
CA ILE B 69 10.05 -14.86 -6.48
C ILE B 69 9.02 -15.08 -5.39
N ASP B 70 9.44 -15.10 -4.12
CA ASP B 70 8.51 -15.31 -2.99
C ASP B 70 7.43 -14.21 -2.87
N ARG B 71 7.79 -12.98 -3.20
CA ARG B 71 6.83 -11.88 -3.19
C ARG B 71 5.81 -12.07 -4.32
N PHE B 72 6.31 -12.38 -5.52
CA PHE B 72 5.47 -12.60 -6.70
C PHE B 72 4.47 -13.77 -6.48
N LEU B 73 4.95 -14.89 -5.94
CA LEU B 73 4.07 -16.05 -5.66
C LEU B 73 3.13 -15.85 -4.48
N SER B 74 3.38 -14.83 -3.67
CA SER B 74 2.45 -14.46 -2.62
C SER B 74 1.15 -13.89 -3.15
N SER B 75 1.13 -13.36 -4.37
CA SER B 75 -0.13 -12.87 -4.98
C SER B 75 -0.55 -13.45 -6.34
N MET B 76 0.30 -14.21 -7.01
CA MET B 76 0.03 -14.67 -8.37
C MET B 76 0.14 -16.20 -8.42
N SER B 77 -0.96 -16.85 -8.79
CA SER B 77 -1.04 -18.30 -8.99
C SER B 77 -0.28 -18.67 -10.29
N VAL B 78 0.63 -19.66 -10.21
CA VAL B 78 1.49 -20.08 -11.32
C VAL B 78 1.48 -21.63 -11.52
N LEU B 79 1.34 -22.07 -12.76
CA LEU B 79 1.41 -23.50 -13.11
C LEU B 79 2.87 -23.97 -13.09
N ARG B 80 3.06 -25.26 -12.84
CA ARG B 80 4.41 -25.81 -12.65
C ARG B 80 5.30 -25.63 -13.87
N GLY B 81 4.73 -25.76 -15.08
CA GLY B 81 5.46 -25.48 -16.35
C GLY B 81 5.92 -24.02 -16.56
N LYS B 82 5.37 -23.07 -15.79
CA LYS B 82 5.78 -21.64 -15.88
C LYS B 82 6.64 -21.14 -14.69
N LEU B 83 6.93 -22.01 -13.71
CA LEU B 83 7.64 -21.57 -12.49
C LEU B 83 9.04 -21.13 -12.82
N GLN B 84 9.67 -21.84 -13.75
CA GLN B 84 11.04 -21.51 -14.16
C GLN B 84 11.08 -20.17 -14.97
N LEU B 85 10.02 -19.82 -15.69
CA LEU B 85 9.93 -18.53 -16.36
C LEU B 85 9.91 -17.38 -15.33
N VAL B 86 9.16 -17.53 -14.25
CA VAL B 86 9.17 -16.58 -13.12
C VAL B 86 10.61 -16.44 -12.56
N GLY B 87 11.24 -17.57 -12.22
CA GLY B 87 12.64 -17.57 -11.73
C GLY B 87 13.66 -16.93 -12.61
N THR B 88 13.57 -17.19 -13.92
CA THR B 88 14.48 -16.58 -14.87
C THR B 88 14.37 -15.06 -14.94
N ALA B 89 13.14 -14.54 -15.03
CA ALA B 89 12.88 -13.08 -15.03
C ALA B 89 13.31 -12.44 -13.72
N ALA B 90 13.07 -13.11 -12.59
CA ALA B 90 13.55 -12.59 -11.31
C ALA B 90 15.10 -12.45 -11.27
N MET B 91 15.81 -13.45 -11.81
CA MET B 91 17.29 -13.44 -11.80
C MET B 91 17.81 -12.35 -12.74
N LEU B 92 17.12 -12.18 -13.88
CA LEU B 92 17.44 -11.08 -14.82
C LEU B 92 17.30 -9.71 -14.15
N LEU B 93 16.17 -9.49 -13.48
CA LEU B 93 15.97 -8.19 -12.78
C LEU B 93 17.00 -7.98 -11.66
N ALA B 94 17.24 -9.00 -10.85
CA ALA B 94 18.23 -8.88 -9.77
C ALA B 94 19.63 -8.58 -10.31
N SER B 95 20.00 -9.21 -11.44
CA SER B 95 21.28 -8.91 -12.08
C SER B 95 21.41 -7.47 -12.61
N LYS B 96 20.37 -6.97 -13.29
CA LYS B 96 20.36 -5.55 -13.67
C LYS B 96 20.48 -4.59 -12.47
N PHE B 97 19.85 -4.91 -11.34
CA PHE B 97 19.88 -4.02 -10.17
C PHE B 97 21.30 -4.02 -9.54
N GLU B 98 21.88 -5.23 -9.38
CA GLU B 98 23.03 -5.44 -8.48
C GLU B 98 24.38 -5.63 -9.16
N GLU B 99 24.39 -6.15 -10.39
CA GLU B 99 25.68 -6.47 -11.08
C GLU B 99 26.29 -5.30 -11.83
N ILE B 100 27.62 -5.23 -11.83
CA ILE B 100 28.37 -4.30 -12.71
C ILE B 100 28.15 -4.70 -14.17
N TYR B 101 28.28 -5.97 -14.48
CA TYR B 101 28.11 -6.50 -15.86
C TYR B 101 27.06 -7.61 -15.87
N PRO B 102 25.78 -7.27 -15.87
CA PRO B 102 24.82 -8.39 -15.89
C PRO B 102 24.91 -9.26 -17.18
N PRO B 103 24.55 -10.53 -17.12
CA PRO B 103 24.49 -11.26 -18.41
C PRO B 103 23.41 -10.71 -19.33
N GLU B 104 23.61 -10.84 -20.63
CA GLU B 104 22.59 -10.45 -21.61
C GLU B 104 21.34 -11.35 -21.59
N VAL B 105 20.23 -10.84 -22.06
CA VAL B 105 18.96 -11.59 -22.08
C VAL B 105 19.10 -12.93 -22.83
N ALA B 106 19.85 -12.94 -23.93
CA ALA B 106 20.08 -14.17 -24.71
C ALA B 106 20.68 -15.26 -23.82
N GLU B 107 21.56 -14.88 -22.89
CA GLU B 107 22.17 -15.83 -21.98
C GLU B 107 21.13 -16.39 -21.02
N PHE B 108 20.20 -15.55 -20.55
CA PHE B 108 19.11 -16.07 -19.74
C PHE B 108 18.18 -17.00 -20.52
N VAL B 109 17.95 -16.79 -21.82
CA VAL B 109 17.18 -17.77 -22.65
C VAL B 109 17.92 -19.10 -22.80
N TYR B 110 19.22 -19.03 -23.10
CA TYR B 110 20.09 -20.21 -23.22
C TYR B 110 20.06 -21.17 -22.02
N ILE B 111 20.22 -20.64 -20.80
CA ILE B 111 20.15 -21.45 -19.57
C ILE B 111 18.82 -22.13 -19.27
N THR B 112 17.71 -21.66 -19.83
CA THR B 112 16.45 -22.45 -19.74
C THR B 112 16.32 -23.61 -20.81
N ASP B 113 17.37 -23.83 -21.63
CA ASP B 113 17.41 -24.90 -22.72
C ASP B 113 16.40 -24.67 -23.84
N ASP B 114 16.14 -23.40 -24.13
CA ASP B 114 15.06 -23.00 -25.06
C ASP B 114 13.65 -23.53 -24.69
N THR B 115 13.40 -23.75 -23.39
CA THR B 115 12.05 -23.93 -22.88
C THR B 115 11.17 -22.68 -23.17
N TYR B 116 11.78 -21.51 -23.15
CA TYR B 116 11.05 -20.26 -23.30
C TYR B 116 11.70 -19.40 -24.35
N THR B 117 10.92 -18.55 -25.00
CA THR B 117 11.48 -17.60 -25.95
C THR B 117 11.95 -16.33 -25.29
N LYS B 118 12.73 -15.55 -26.03
CA LYS B 118 13.17 -14.25 -25.59
C LYS B 118 11.98 -13.35 -25.27
N LYS B 119 11.00 -13.37 -26.15
CA LYS B 119 9.80 -12.58 -25.95
C LYS B 119 9.04 -12.95 -24.64
N GLN B 120 8.97 -14.23 -24.32
CA GLN B 120 8.37 -14.68 -23.06
C GLN B 120 9.13 -14.16 -21.81
N VAL B 121 10.46 -14.16 -21.87
CA VAL B 121 11.28 -13.68 -20.75
C VAL B 121 11.05 -12.17 -20.56
N LEU B 122 10.99 -11.39 -21.64
CA LEU B 122 10.83 -9.94 -21.54
C LEU B 122 9.44 -9.55 -21.11
N ARG B 123 8.47 -10.36 -21.49
CA ARG B 123 7.08 -10.15 -21.07
C ARG B 123 6.99 -10.41 -19.57
N MET B 124 7.55 -11.52 -19.10
CA MET B 124 7.54 -11.85 -17.70
C MET B 124 8.30 -10.81 -16.88
N GLU B 125 9.42 -10.30 -17.38
CA GLU B 125 10.13 -9.18 -16.71
C GLU B 125 9.18 -8.04 -16.36
N HIS B 126 8.44 -7.56 -17.36
CA HIS B 126 7.44 -6.51 -17.19
C HIS B 126 6.34 -6.89 -16.19
N LEU B 127 5.82 -8.11 -16.26
CA LEU B 127 4.82 -8.52 -15.29
C LEU B 127 5.34 -8.53 -13.84
N VAL B 128 6.53 -9.07 -13.62
CA VAL B 128 7.14 -9.07 -12.29
C VAL B 128 7.34 -7.61 -11.76
N LEU B 129 7.85 -6.73 -12.61
CA LEU B 129 7.89 -5.27 -12.25
C LEU B 129 6.56 -4.65 -11.86
N LYS B 130 5.50 -5.00 -12.61
CA LYS B 130 4.15 -4.52 -12.32
C LYS B 130 3.67 -5.07 -10.99
N VAL B 131 3.79 -6.39 -10.78
CA VAL B 131 3.33 -6.98 -9.55
C VAL B 131 4.05 -6.46 -8.30
N LEU B 132 5.36 -6.29 -8.40
CA LEU B 132 6.13 -5.73 -7.31
C LEU B 132 6.13 -4.18 -7.24
N ALA B 133 5.51 -3.50 -8.21
CA ALA B 133 5.47 -2.01 -8.27
C ALA B 133 6.87 -1.40 -8.28
N PHE B 134 7.78 -2.03 -9.02
CA PHE B 134 9.21 -1.66 -9.09
C PHE B 134 9.94 -1.61 -7.75
N ASP B 135 9.43 -2.24 -6.71
CA ASP B 135 10.02 -2.13 -5.38
C ASP B 135 11.13 -3.19 -5.16
N LEU B 136 12.28 -2.97 -5.82
CA LEU B 136 13.37 -3.94 -5.92
C LEU B 136 14.52 -3.82 -4.94
N ALA B 137 14.60 -2.70 -4.22
CA ALA B 137 15.76 -2.47 -3.35
C ALA B 137 15.47 -3.07 -1.98
N ALA B 138 15.37 -4.41 -1.95
CA ALA B 138 14.93 -5.12 -0.75
C ALA B 138 16.12 -5.49 0.16
N PRO B 139 15.87 -5.57 1.48
CA PRO B 139 16.92 -6.14 2.37
C PRO B 139 17.04 -7.63 2.24
N THR B 140 18.27 -8.13 2.41
CA THR B 140 18.57 -9.54 2.32
C THR B 140 19.29 -10.02 3.60
N ILE B 141 19.34 -11.33 3.79
CA ILE B 141 20.18 -11.93 4.86
C ILE B 141 21.63 -11.40 4.78
N ASN B 142 22.19 -11.32 3.56
CA ASN B 142 23.58 -10.86 3.41
C ASN B 142 23.83 -9.45 3.83
N GLN B 143 22.85 -8.56 3.60
CA GLN B 143 23.03 -7.18 4.05
C GLN B 143 23.16 -7.03 5.58
N PHE B 144 22.48 -7.87 6.33
CA PHE B 144 22.59 -7.92 7.78
C PHE B 144 23.89 -8.65 8.22
N LEU B 145 24.20 -9.79 7.59
CA LEU B 145 25.44 -10.52 7.91
C LEU B 145 26.70 -9.68 7.83
N THR B 146 26.85 -8.86 6.79
CA THR B 146 28.08 -8.08 6.63
C THR B 146 28.25 -7.02 7.71
N GLN B 147 27.15 -6.43 8.17
CA GLN B 147 27.15 -5.56 9.40
C GLN B 147 27.51 -6.34 10.66
N TYR B 148 26.91 -7.55 10.83
CA TYR B 148 27.23 -8.36 12.02
C TYR B 148 28.71 -8.78 12.12
N PHE B 149 29.31 -9.10 10.96
CA PHE B 149 30.72 -9.44 10.87
C PHE B 149 31.68 -8.36 11.46
N LEU B 150 31.29 -7.11 11.39
CA LEU B 150 32.11 -6.05 12.02
C LEU B 150 32.25 -6.18 13.55
N HIS B 151 31.41 -6.98 14.19
CA HIS B 151 31.51 -7.23 15.64
C HIS B 151 32.49 -8.35 16.03
N GLN B 152 33.19 -8.98 15.07
CA GLN B 152 34.12 -10.05 15.42
C GLN B 152 35.40 -9.51 16.09
N GLN B 153 35.92 -10.27 17.03
CA GLN B 153 37.10 -9.91 17.81
C GLN B 153 38.08 -11.12 17.90
N PRO B 154 39.03 -11.30 16.95
CA PRO B 154 39.17 -10.58 15.69
C PRO B 154 38.36 -11.27 14.55
N ALA B 155 38.43 -10.73 13.34
CA ALA B 155 37.73 -11.29 12.18
C ALA B 155 38.28 -12.65 11.79
N ASN B 156 37.41 -13.59 11.45
CA ASN B 156 37.78 -14.93 11.10
C ASN B 156 37.11 -15.28 9.77
N CYS B 157 37.89 -15.56 8.73
CA CYS B 157 37.34 -15.93 7.38
C CYS B 157 36.44 -17.16 7.32
N LYS B 158 36.74 -18.16 8.11
CA LYS B 158 35.90 -19.35 8.24
C LYS B 158 34.54 -19.05 8.86
N VAL B 159 34.52 -18.23 9.92
CA VAL B 159 33.22 -17.80 10.54
C VAL B 159 32.39 -17.08 9.47
N GLU B 160 33.02 -16.16 8.74
CA GLU B 160 32.29 -15.38 7.72
C GLU B 160 31.70 -16.26 6.60
N SER B 161 32.52 -17.09 5.98
CA SER B 161 32.03 -18.00 4.96
C SER B 161 31.00 -19.02 5.43
N LEU B 162 31.19 -19.57 6.64
CA LEU B 162 30.23 -20.54 7.14
C LEU B 162 28.85 -19.91 7.42
N ALA B 163 28.81 -18.69 7.93
CA ALA B 163 27.52 -17.99 8.18
C ALA B 163 26.77 -17.73 6.84
N MET B 164 27.52 -17.30 5.84
CA MET B 164 27.02 -17.18 4.48
C MET B 164 26.40 -18.48 3.89
N PHE B 165 27.12 -19.58 4.03
CA PHE B 165 26.66 -20.91 3.68
C PHE B 165 25.33 -21.28 4.35
N LEU B 166 25.26 -21.10 5.66
CA LEU B 166 24.03 -21.42 6.38
C LEU B 166 22.84 -20.54 5.95
N GLY B 167 23.09 -19.23 5.76
CA GLY B 167 22.03 -18.31 5.29
C GLY B 167 21.52 -18.78 3.93
N GLU B 168 22.43 -19.24 3.06
CA GLU B 168 22.09 -19.73 1.73
C GLU B 168 21.21 -21.00 1.77
N LEU B 169 21.55 -21.92 2.65
CA LEU B 169 20.75 -23.14 2.80
C LEU B 169 19.30 -22.83 3.14
N SER B 170 19.09 -21.77 3.93
CA SER B 170 17.71 -21.36 4.33
C SER B 170 16.83 -20.93 3.14
N LEU B 171 17.43 -20.45 2.04
CA LEU B 171 16.72 -20.02 0.85
C LEU B 171 15.95 -21.17 0.21
N ILE B 172 16.49 -22.40 0.35
CA ILE B 172 15.96 -23.61 -0.37
C ILE B 172 14.62 -24.08 0.19
N ASP B 173 14.40 -23.91 1.49
CA ASP B 173 13.30 -24.58 2.23
C ASP B 173 12.26 -23.57 2.80
N ALA B 174 11.17 -23.34 2.04
CA ALA B 174 10.13 -22.36 2.44
C ALA B 174 9.48 -22.69 3.76
N ASP B 175 9.30 -23.98 4.00
CA ASP B 175 8.95 -24.50 5.34
C ASP B 175 10.26 -25.04 5.96
N PRO B 176 10.81 -24.42 7.02
CA PRO B 176 10.18 -23.40 7.87
C PRO B 176 10.53 -21.91 7.60
N TYR B 177 11.46 -21.61 6.70
CA TYR B 177 12.19 -20.33 6.75
C TYR B 177 11.38 -19.07 6.32
N LEU B 178 10.28 -19.23 5.57
CA LEU B 178 9.40 -18.09 5.26
C LEU B 178 8.83 -17.43 6.53
N LYS B 179 8.77 -18.12 7.66
CA LYS B 179 8.29 -17.48 8.87
C LYS B 179 9.30 -16.61 9.60
N TYR B 180 10.59 -16.68 9.24
CA TYR B 180 11.57 -15.79 9.87
C TYR B 180 12.01 -14.63 8.93
N LEU B 181 12.27 -13.48 9.54
CA LEU B 181 12.81 -12.28 8.84
C LEU B 181 14.32 -12.44 8.51
N PRO B 182 14.81 -11.79 7.45
CA PRO B 182 16.23 -11.85 7.12
C PRO B 182 17.16 -11.52 8.28
N SER B 183 16.83 -10.52 9.10
CA SER B 183 17.72 -10.10 10.19
C SER B 183 17.88 -11.19 11.29
N VAL B 184 16.82 -11.96 11.48
CA VAL B 184 16.75 -13.11 12.39
C VAL B 184 17.50 -14.31 11.84
N ILE B 185 17.25 -14.70 10.59
CA ILE B 185 18.07 -15.78 9.98
C ILE B 185 19.54 -15.45 9.99
N ALA B 186 19.88 -14.20 9.69
CA ALA B 186 21.29 -13.78 9.71
C ALA B 186 21.89 -13.91 11.09
N ALA B 187 21.13 -13.57 12.14
CA ALA B 187 21.62 -13.62 13.53
C ALA B 187 21.83 -15.08 13.99
N ALA B 188 20.88 -15.93 13.67
CA ALA B 188 21.05 -17.39 13.97
C ALA B 188 22.24 -18.00 13.20
N ALA B 189 22.39 -17.61 11.95
CA ALA B 189 23.52 -18.08 11.14
C ALA B 189 24.85 -17.61 11.68
N PHE B 190 24.95 -16.35 12.12
CA PHE B 190 26.18 -15.83 12.69
C PHE B 190 26.56 -16.56 14.00
N HIS B 191 25.61 -16.70 14.91
CA HIS B 191 25.82 -17.45 16.16
C HIS B 191 26.26 -18.93 15.89
N LEU B 192 25.52 -19.64 15.04
CA LEU B 192 25.87 -21.02 14.71
C LEU B 192 27.28 -21.14 14.11
N ALA B 193 27.70 -20.22 13.25
CA ALA B 193 29.02 -20.29 12.61
C ALA B 193 30.13 -19.96 13.60
N LEU B 194 29.90 -18.94 14.39
CA LEU B 194 30.82 -18.55 15.42
C LEU B 194 31.05 -19.71 16.43
N TYR B 195 29.97 -20.31 16.88
CA TYR B 195 30.03 -21.42 17.83
C TYR B 195 30.78 -22.64 17.21
N THR B 196 30.40 -23.02 15.99
CA THR B 196 31.02 -24.15 15.29
C THR B 196 32.54 -23.99 15.13
N VAL B 197 33.01 -22.81 14.71
CA VAL B 197 34.42 -22.57 14.45
C VAL B 197 35.26 -22.25 15.71
N THR B 198 34.79 -21.35 16.56
CA THR B 198 35.60 -20.83 17.67
C THR B 198 35.10 -21.21 19.08
N GLY B 199 33.95 -21.85 19.19
CA GLY B 199 33.32 -21.97 20.47
C GLY B 199 32.62 -20.78 21.10
N GLN B 200 32.72 -19.57 20.52
CA GLN B 200 32.14 -18.38 21.12
C GLN B 200 30.64 -18.24 20.79
N SER B 201 29.99 -17.26 21.41
CA SER B 201 28.54 -17.02 21.26
C SER B 201 28.16 -15.60 20.79
N TRP B 202 26.91 -15.46 20.37
CA TRP B 202 26.30 -14.17 20.02
C TRP B 202 26.74 -13.07 21.02
N PRO B 203 27.51 -12.08 20.56
CA PRO B 203 28.08 -11.13 21.48
C PRO B 203 27.11 -10.03 22.00
N GLU B 204 27.40 -9.57 23.19
CA GLU B 204 26.66 -8.48 23.87
C GLU B 204 26.57 -7.24 22.98
N SER B 205 27.65 -6.92 22.24
CA SER B 205 27.63 -5.74 21.36
C SER B 205 26.52 -5.88 20.25
N LEU B 206 26.24 -7.10 19.79
CA LEU B 206 25.07 -7.34 18.88
C LEU B 206 23.70 -7.38 19.56
N VAL B 207 23.67 -7.75 20.83
CA VAL B 207 22.47 -7.55 21.64
C VAL B 207 22.15 -6.05 21.71
N GLN B 208 23.17 -5.21 21.90
CA GLN B 208 22.98 -3.74 21.95
C GLN B 208 22.49 -3.17 20.58
N LYS B 209 23.08 -3.67 19.47
CA LYS B 209 22.71 -3.19 18.13
C LYS B 209 21.30 -3.64 17.75
N THR B 210 21.01 -4.94 17.89
CA THR B 210 19.81 -5.54 17.32
C THR B 210 18.59 -5.68 18.25
N GLY B 211 18.83 -5.71 19.57
CA GLY B 211 17.82 -6.15 20.51
C GLY B 211 17.54 -7.66 20.58
N TYR B 212 18.19 -8.48 19.77
CA TYR B 212 18.02 -9.93 19.78
C TYR B 212 18.95 -10.60 20.81
N THR B 213 18.42 -11.60 21.52
CA THR B 213 19.21 -12.41 22.47
C THR B 213 19.10 -13.86 22.03
N LEU B 214 19.91 -14.73 22.66
CA LEU B 214 19.84 -16.14 22.35
C LEU B 214 18.47 -16.68 22.70
N GLU B 215 17.80 -16.04 23.67
CA GLU B 215 16.40 -16.40 23.95
C GLU B 215 15.44 -16.15 22.78
N THR B 216 15.45 -14.95 22.21
CA THR B 216 14.59 -14.66 21.08
C THR B 216 15.02 -15.39 19.77
N LEU B 217 16.31 -15.65 19.62
CA LEU B 217 16.83 -16.40 18.44
C LEU B 217 16.59 -17.94 18.49
N LYS B 218 16.22 -18.47 19.64
CA LYS B 218 16.18 -19.95 19.83
C LYS B 218 15.34 -20.71 18.80
N PRO B 219 14.11 -20.27 18.50
CA PRO B 219 13.33 -21.07 17.52
C PRO B 219 13.97 -21.22 16.12
N CYS B 220 14.50 -20.11 15.58
CA CYS B 220 15.21 -20.13 14.27
C CYS B 220 16.51 -20.97 14.38
N LEU B 221 17.22 -20.78 15.50
CA LEU B 221 18.48 -21.53 15.78
C LEU B 221 18.28 -23.07 15.80
N LEU B 222 17.23 -23.51 16.47
CA LEU B 222 16.88 -24.94 16.48
C LEU B 222 16.54 -25.45 15.10
N ASP B 223 15.76 -24.69 14.31
CA ASP B 223 15.55 -25.04 12.89
C ASP B 223 16.85 -25.10 12.07
N LEU B 224 17.69 -24.05 12.18
CA LEU B 224 18.91 -23.94 11.40
C LEU B 224 19.92 -25.05 11.72
N HIS B 225 20.06 -25.35 13.01
CA HIS B 225 20.86 -26.46 13.48
C HIS B 225 20.47 -27.81 12.83
N GLN B 226 19.18 -28.10 12.79
CA GLN B 226 18.65 -29.32 12.16
C GLN B 226 18.91 -29.34 10.68
N THR B 227 18.75 -28.20 10.02
CA THR B 227 19.04 -28.06 8.61
C THR B 227 20.53 -28.36 8.35
N TYR B 228 21.40 -27.77 9.16
CA TYR B 228 22.87 -27.96 9.04
C TYR B 228 23.25 -29.46 9.22
N LEU B 229 22.70 -30.10 10.27
CA LEU B 229 22.91 -31.54 10.49
C LEU B 229 22.46 -32.43 9.33
N ARG B 230 21.33 -32.11 8.71
CA ARG B 230 20.77 -32.92 7.60
C ARG B 230 21.26 -32.58 6.18
N ALA B 231 22.10 -31.55 6.06
CA ALA B 231 22.46 -31.03 4.73
C ALA B 231 23.07 -32.08 3.78
N PRO B 232 23.96 -32.99 4.30
CA PRO B 232 24.49 -34.03 3.39
C PRO B 232 23.45 -34.97 2.76
N GLN B 233 22.28 -35.11 3.35
CA GLN B 233 21.19 -36.00 2.84
C GLN B 233 20.10 -35.25 2.06
N HIS B 234 20.09 -33.92 2.11
CA HIS B 234 19.05 -33.11 1.39
C HIS B 234 19.06 -33.45 -0.12
N ALA B 235 17.88 -33.59 -0.72
CA ALA B 235 17.77 -33.80 -2.18
C ALA B 235 18.49 -32.72 -3.02
N GLN B 236 18.61 -31.49 -2.52
CA GLN B 236 19.27 -30.44 -3.26
C GLN B 236 20.68 -30.23 -2.67
N GLN B 237 21.71 -30.20 -3.51
CA GLN B 237 23.12 -30.21 -3.12
C GLN B 237 23.99 -29.10 -3.73
N SER B 238 23.43 -28.17 -4.52
CA SER B 238 24.33 -27.25 -5.24
C SER B 238 25.03 -26.28 -4.28
N ILE B 239 24.39 -25.92 -3.16
CA ILE B 239 25.01 -25.03 -2.16
C ILE B 239 26.20 -25.72 -1.46
N ARG B 240 26.02 -26.94 -0.99
CA ARG B 240 27.21 -27.72 -0.44
C ARG B 240 28.36 -27.81 -1.46
N GLU B 241 28.07 -28.12 -2.72
CA GLU B 241 29.13 -28.19 -3.73
C GLU B 241 29.84 -26.86 -3.92
N LYS B 242 29.07 -25.79 -4.04
CA LYS B 242 29.63 -24.44 -4.15
C LYS B 242 30.56 -24.07 -3.01
N TYR B 243 30.19 -24.41 -1.78
CA TYR B 243 30.95 -23.98 -0.58
C TYR B 243 32.10 -24.97 -0.20
N LYS B 244 32.38 -25.93 -1.11
CA LYS B 244 33.68 -26.69 -1.12
C LYS B 244 34.83 -25.90 -1.69
N ASN B 245 34.51 -24.91 -2.52
CA ASN B 245 35.51 -24.11 -3.19
C ASN B 245 36.35 -23.30 -2.22
N SER B 246 37.63 -23.09 -2.60
CA SER B 246 38.57 -22.34 -1.79
C SER B 246 38.20 -20.87 -1.67
N LYS B 247 37.47 -20.35 -2.64
CA LYS B 247 36.86 -19.02 -2.55
C LYS B 247 36.11 -18.80 -1.22
N TYR B 248 35.47 -19.89 -0.73
CA TYR B 248 34.67 -19.87 0.48
C TYR B 248 35.33 -20.72 1.59
N HIS B 249 36.66 -20.86 1.51
CA HIS B 249 37.47 -21.59 2.48
C HIS B 249 37.04 -22.98 2.80
N GLY B 250 36.40 -23.65 1.85
CA GLY B 250 35.96 -25.00 2.02
C GLY B 250 34.99 -25.29 3.16
N VAL B 251 34.28 -24.27 3.67
CA VAL B 251 33.47 -24.45 4.87
C VAL B 251 32.40 -25.53 4.86
N SER B 252 31.89 -25.94 3.68
CA SER B 252 30.87 -27.03 3.71
C SER B 252 31.47 -28.40 4.18
N LEU B 253 32.81 -28.48 4.25
CA LEU B 253 33.50 -29.69 4.78
C LEU B 253 33.63 -29.72 6.33
N LEU B 254 33.37 -28.61 7.01
CA LEU B 254 33.36 -28.57 8.51
C LEU B 254 32.25 -29.41 9.03
N ASN B 255 32.43 -29.99 10.21
CA ASN B 255 31.44 -30.84 10.89
C ASN B 255 30.55 -29.99 11.75
N PRO B 256 29.22 -30.19 11.63
CA PRO B 256 28.34 -29.43 12.56
C PRO B 256 28.54 -29.84 14.01
N PRO B 257 28.25 -28.95 14.98
CA PRO B 257 28.31 -29.38 16.39
C PRO B 257 27.12 -30.28 16.66
N GLU B 258 27.28 -31.29 17.50
CA GLU B 258 26.16 -32.21 17.78
C GLU B 258 25.12 -31.59 18.71
N THR B 259 25.54 -30.71 19.61
CA THR B 259 24.59 -29.95 20.43
C THR B 259 25.00 -28.50 20.56
N LEU B 260 24.01 -27.69 20.94
CA LEU B 260 24.18 -26.26 21.09
C LEU B 260 24.33 -25.78 22.53
N ASN B 261 23.77 -26.52 23.50
CA ASN B 261 23.66 -26.06 24.90
C ASN B 261 22.94 -24.72 25.00
N VAL B 262 21.68 -24.67 24.54
CA VAL B 262 20.92 -23.40 24.39
C VAL B 262 19.50 -23.55 24.91
N SER C 4 -2.60 -3.75 -22.49
CA SER C 4 -3.25 -3.72 -21.12
C SER C 4 -3.80 -5.09 -20.72
N MET C 5 -4.60 -5.66 -21.62
CA MET C 5 -5.12 -7.05 -21.51
C MET C 5 -4.37 -8.08 -22.41
N GLU C 6 -3.23 -7.66 -22.97
CA GLU C 6 -2.45 -8.50 -23.87
C GLU C 6 -2.10 -9.88 -23.32
N ASN C 7 -1.85 -9.96 -22.02
CA ASN C 7 -1.48 -11.26 -21.40
C ASN C 7 -2.67 -12.24 -21.19
N PHE C 8 -3.93 -11.82 -21.43
CA PHE C 8 -5.09 -12.69 -21.23
C PHE C 8 -5.64 -13.22 -22.57
N GLN C 9 -5.90 -14.53 -22.61
CA GLN C 9 -6.55 -15.18 -23.74
C GLN C 9 -7.99 -15.55 -23.33
N LYS C 10 -9.00 -14.99 -23.99
CA LYS C 10 -10.39 -15.35 -23.69
C LYS C 10 -10.65 -16.78 -24.15
N VAL C 11 -11.46 -17.51 -23.41
CA VAL C 11 -11.68 -18.95 -23.66
C VAL C 11 -13.17 -19.09 -24.05
N GLU C 12 -14.07 -18.57 -23.23
CA GLU C 12 -15.50 -18.58 -23.50
C GLU C 12 -16.24 -17.66 -22.54
N LYS C 13 -17.46 -17.30 -22.93
CA LYS C 13 -18.36 -16.53 -22.08
C LYS C 13 -18.98 -17.42 -21.01
N ILE C 14 -19.11 -16.94 -19.78
CA ILE C 14 -19.67 -17.76 -18.68
C ILE C 14 -20.80 -17.12 -17.91
N GLY C 15 -21.17 -15.91 -18.29
CA GLY C 15 -22.13 -15.17 -17.51
C GLY C 15 -22.39 -13.82 -18.12
N GLU C 16 -23.41 -13.18 -17.59
CA GLU C 16 -23.94 -11.93 -18.09
C GLU C 16 -24.97 -11.44 -17.10
N GLY C 17 -25.07 -10.11 -16.97
CA GLY C 17 -26.05 -9.49 -16.08
C GLY C 17 -26.19 -7.99 -16.34
N THR C 18 -26.88 -7.33 -15.40
CA THR C 18 -26.95 -5.84 -15.29
C THR C 18 -25.58 -5.17 -15.47
N TYR C 19 -24.58 -5.69 -14.73
CA TYR C 19 -23.17 -5.24 -14.74
C TYR C 19 -22.44 -5.18 -16.13
N GLY C 20 -22.78 -6.08 -17.04
CA GLY C 20 -21.95 -6.37 -18.22
C GLY C 20 -21.80 -7.87 -18.45
N VAL C 21 -20.61 -8.32 -18.83
CA VAL C 21 -20.42 -9.71 -19.21
C VAL C 21 -19.15 -10.29 -18.54
N VAL C 22 -19.15 -11.62 -18.31
CA VAL C 22 -18.05 -12.35 -17.69
C VAL C 22 -17.51 -13.42 -18.64
N TYR C 23 -16.18 -13.41 -18.82
CA TYR C 23 -15.47 -14.43 -19.60
C TYR C 23 -14.53 -15.25 -18.77
N LYS C 24 -14.41 -16.52 -19.08
CA LYS C 24 -13.30 -17.35 -18.65
C LYS C 24 -12.10 -17.02 -19.50
N ALA C 25 -10.93 -16.79 -18.86
CA ALA C 25 -9.73 -16.39 -19.59
C ALA C 25 -8.50 -17.01 -18.97
N ARG C 26 -7.41 -17.07 -19.72
CA ARG C 26 -6.20 -17.69 -19.20
C ARG C 26 -4.95 -16.84 -19.39
N ASN C 27 -4.32 -16.52 -18.26
CA ASN C 27 -3.07 -15.72 -18.27
C ASN C 27 -2.00 -16.47 -19.02
N LYS C 28 -1.51 -15.92 -20.11
CA LYS C 28 -0.57 -16.62 -20.99
C LYS C 28 0.84 -16.77 -20.40
N LEU C 29 1.19 -15.95 -19.41
CA LEU C 29 2.51 -16.02 -18.80
C LEU C 29 2.59 -16.94 -17.60
N THR C 30 1.56 -16.93 -16.74
CA THR C 30 1.53 -17.75 -15.53
C THR C 30 0.73 -19.04 -15.66
N GLY C 31 -0.19 -19.09 -16.63
CA GLY C 31 -1.12 -20.19 -16.78
C GLY C 31 -2.37 -20.13 -15.93
N GLU C 32 -2.53 -19.10 -15.07
CA GLU C 32 -3.69 -19.00 -14.19
C GLU C 32 -4.97 -18.82 -15.07
N VAL C 33 -6.02 -19.52 -14.69
CA VAL C 33 -7.34 -19.34 -15.26
C VAL C 33 -8.12 -18.38 -14.38
N VAL C 34 -8.77 -17.39 -14.99
CA VAL C 34 -9.51 -16.34 -14.25
C VAL C 34 -10.90 -16.11 -14.89
N ALA C 35 -11.75 -15.40 -14.16
CA ALA C 35 -12.98 -14.81 -14.72
C ALA C 35 -12.84 -13.27 -14.87
N LEU C 36 -12.99 -12.76 -16.08
CA LEU C 36 -12.90 -11.32 -16.39
C LEU C 36 -14.28 -10.71 -16.51
N LYS C 37 -14.65 -9.83 -15.60
CA LYS C 37 -15.90 -9.11 -15.64
C LYS C 37 -15.61 -7.77 -16.32
N LYS C 38 -16.21 -7.55 -17.48
CA LYS C 38 -16.00 -6.32 -18.25
C LYS C 38 -17.18 -5.37 -18.03
N ILE C 39 -16.88 -4.10 -17.77
CA ILE C 39 -17.84 -3.07 -17.27
C ILE C 39 -17.68 -1.85 -18.16
N ARG C 40 -18.72 -1.47 -18.90
CA ARG C 40 -18.65 -0.28 -19.78
C ARG C 40 -18.66 1.02 -19.00
N LEU C 41 -17.72 1.91 -19.30
CA LEU C 41 -17.72 3.20 -18.68
C LEU C 41 -18.59 4.13 -19.61
N ASP C 42 -19.44 4.93 -19.01
CA ASP C 42 -20.31 5.87 -19.73
C ASP C 42 -19.57 7.20 -19.77
N THR C 43 -18.55 7.33 -20.62
CA THR C 43 -17.57 8.42 -20.49
C THR C 43 -18.06 9.84 -20.86
N GLU C 44 -19.28 9.92 -21.41
CA GLU C 44 -19.88 11.19 -21.79
C GLU C 44 -21.25 11.42 -21.15
N THR C 45 -21.66 10.56 -20.22
CA THR C 45 -22.94 10.73 -19.56
C THR C 45 -22.84 10.46 -18.06
N GLU C 46 -22.85 9.21 -17.59
CA GLU C 46 -22.88 8.98 -16.13
C GLU C 46 -21.59 8.57 -15.41
N GLY C 47 -20.57 8.17 -16.16
CA GLY C 47 -19.30 7.73 -15.59
C GLY C 47 -19.28 6.30 -15.03
N VAL C 48 -18.56 6.11 -13.94
CA VAL C 48 -18.40 4.73 -13.41
C VAL C 48 -19.66 4.26 -12.69
N PRO C 49 -20.24 3.09 -13.05
CA PRO C 49 -21.48 2.71 -12.37
C PRO C 49 -21.34 2.52 -10.83
N SER C 50 -22.36 2.90 -10.09
CA SER C 50 -22.40 2.72 -8.65
C SER C 50 -22.26 1.28 -8.19
N THR C 51 -22.78 0.34 -8.98
CA THR C 51 -22.65 -1.10 -8.63
C THR C 51 -21.16 -1.56 -8.69
N ALA C 52 -20.41 -1.06 -9.67
CA ALA C 52 -18.98 -1.39 -9.75
C ALA C 52 -18.16 -0.74 -8.63
N ILE C 53 -18.45 0.51 -8.31
CA ILE C 53 -17.78 1.21 -7.19
C ILE C 53 -17.96 0.43 -5.87
N ARG C 54 -19.18 -0.01 -5.60
CA ARG C 54 -19.48 -0.77 -4.39
C ARG C 54 -18.81 -2.15 -4.41
N GLU C 55 -18.92 -2.89 -5.51
CA GLU C 55 -18.31 -4.24 -5.56
C GLU C 55 -16.76 -4.19 -5.33
N ILE C 56 -16.08 -3.31 -6.05
CA ILE C 56 -14.62 -3.13 -5.93
C ILE C 56 -14.19 -2.65 -4.51
N SER C 57 -14.80 -1.58 -4.01
CA SER C 57 -14.47 -1.06 -2.68
C SER C 57 -14.73 -2.07 -1.54
N LEU C 58 -15.85 -2.78 -1.59
CA LEU C 58 -16.18 -3.76 -0.54
C LEU C 58 -15.37 -5.03 -0.64
N LEU C 59 -15.04 -5.51 -1.84
CA LEU C 59 -14.21 -6.69 -1.95
C LEU C 59 -12.71 -6.48 -1.69
N LYS C 60 -12.23 -5.26 -1.82
CA LYS C 60 -10.84 -4.96 -1.41
C LYS C 60 -10.57 -5.32 0.06
N GLU C 61 -11.55 -5.20 0.94
CA GLU C 61 -11.43 -5.59 2.32
C GLU C 61 -11.95 -6.99 2.78
N LEU C 62 -12.73 -7.66 1.95
CA LEU C 62 -13.30 -8.94 2.35
C LEU C 62 -12.47 -10.12 1.85
N ASN C 63 -11.36 -10.40 2.54
CA ASN C 63 -10.51 -11.58 2.22
C ASN C 63 -10.84 -12.73 3.17
N HIS C 64 -11.43 -13.80 2.61
CA HIS C 64 -11.92 -14.96 3.42
C HIS C 64 -11.95 -16.15 2.46
N PRO C 65 -11.66 -17.37 2.95
CA PRO C 65 -11.66 -18.55 2.05
C PRO C 65 -13.03 -18.85 1.37
N ASN C 66 -14.13 -18.36 1.93
CA ASN C 66 -15.48 -18.59 1.36
C ASN C 66 -16.10 -17.33 0.68
N ILE C 67 -15.23 -16.39 0.29
CA ILE C 67 -15.57 -15.20 -0.51
C ILE C 67 -14.68 -15.21 -1.76
N VAL C 68 -15.29 -15.05 -2.94
CA VAL C 68 -14.54 -15.07 -4.17
C VAL C 68 -13.49 -13.92 -4.17
N LYS C 69 -12.30 -14.20 -4.68
CA LYS C 69 -11.19 -13.24 -4.64
C LYS C 69 -11.15 -12.33 -5.84
N LEU C 70 -11.09 -11.01 -5.58
CA LEU C 70 -10.77 -10.01 -6.61
C LEU C 70 -9.26 -9.88 -6.76
N LEU C 71 -8.70 -10.25 -7.89
CA LEU C 71 -7.26 -10.33 -8.12
C LEU C 71 -6.67 -9.04 -8.63
N ASP C 72 -7.40 -8.30 -9.48
CA ASP C 72 -6.84 -7.11 -10.12
C ASP C 72 -7.99 -6.26 -10.71
N VAL C 73 -7.72 -4.97 -10.87
CA VAL C 73 -8.69 -4.06 -11.58
C VAL C 73 -7.90 -3.35 -12.66
N ILE C 74 -8.31 -3.48 -13.91
CA ILE C 74 -7.59 -2.85 -14.98
C ILE C 74 -8.51 -1.78 -15.52
N HIS C 75 -8.14 -0.52 -15.27
CA HIS C 75 -8.95 0.60 -15.72
C HIS C 75 -8.37 1.28 -16.96
N THR C 76 -9.16 1.34 -18.02
CA THR C 76 -8.75 1.97 -19.27
C THR C 76 -9.73 3.09 -19.60
N GLU C 77 -9.22 4.20 -20.13
CA GLU C 77 -10.10 5.36 -20.47
C GLU C 77 -11.57 4.96 -20.77
N ASN C 78 -11.73 3.81 -21.46
CA ASN C 78 -12.97 3.27 -22.10
C ASN C 78 -13.66 2.11 -21.34
N LYS C 79 -12.87 1.20 -20.74
CA LYS C 79 -13.40 -0.04 -20.10
C LYS C 79 -12.79 -0.23 -18.73
N LEU C 80 -13.53 -0.92 -17.87
CA LEU C 80 -13.01 -1.36 -16.59
C LEU C 80 -13.10 -2.90 -16.56
N TYR C 81 -11.97 -3.59 -16.40
CA TYR C 81 -11.96 -5.08 -16.27
C TYR C 81 -11.64 -5.45 -14.85
N LEU C 82 -12.50 -6.22 -14.22
CA LEU C 82 -12.23 -6.81 -12.93
C LEU C 82 -11.80 -8.27 -13.13
N VAL C 83 -10.64 -8.61 -12.57
CA VAL C 83 -10.01 -9.91 -12.72
C VAL C 83 -10.28 -10.67 -11.46
N PHE C 84 -11.12 -11.70 -11.55
CA PHE C 84 -11.53 -12.51 -10.39
C PHE C 84 -10.95 -13.92 -10.51
N GLU C 85 -10.83 -14.58 -9.36
CA GLU C 85 -10.58 -16.02 -9.32
C GLU C 85 -11.70 -16.79 -10.10
N PHE C 86 -11.33 -17.83 -10.84
CA PHE C 86 -12.30 -18.72 -11.56
C PHE C 86 -12.58 -19.97 -10.75
N LEU C 87 -13.86 -20.31 -10.61
CA LEU C 87 -14.31 -21.55 -9.97
C LEU C 87 -15.14 -22.37 -10.97
N HIS C 88 -15.04 -23.70 -10.87
CA HIS C 88 -15.54 -24.65 -11.93
C HIS C 88 -17.03 -24.45 -12.31
N GLN C 89 -17.92 -24.32 -11.33
CA GLN C 89 -19.31 -24.04 -11.66
C GLN C 89 -20.10 -23.49 -10.52
N ASP C 90 -21.31 -23.06 -10.81
CA ASP C 90 -22.24 -22.51 -9.81
C ASP C 90 -23.15 -23.63 -9.21
N LEU C 91 -23.72 -23.33 -8.06
CA LEU C 91 -24.46 -24.31 -7.27
C LEU C 91 -25.80 -24.69 -7.97
N LYS C 92 -26.37 -23.76 -8.69
CA LYS C 92 -27.57 -24.06 -9.54
C LYS C 92 -27.28 -25.14 -10.58
N LYS C 93 -26.18 -25.02 -11.33
CA LYS C 93 -25.83 -26.09 -12.27
C LYS C 93 -25.53 -27.43 -11.60
N PHE C 94 -24.87 -27.40 -10.44
CA PHE C 94 -24.60 -28.62 -9.70
C PHE C 94 -25.95 -29.30 -9.21
N MET C 95 -26.90 -28.47 -8.77
CA MET C 95 -28.20 -28.97 -8.28
C MET C 95 -29.02 -29.62 -9.42
N ASP C 96 -29.03 -28.98 -10.58
CA ASP C 96 -29.63 -29.57 -11.77
C ASP C 96 -28.97 -30.84 -12.23
N ALA C 97 -27.64 -30.88 -12.27
CA ALA C 97 -26.96 -32.15 -12.56
C ALA C 97 -27.26 -33.24 -11.51
N SER C 98 -27.60 -32.85 -10.29
CA SER C 98 -27.90 -33.80 -9.21
C SER C 98 -29.43 -34.08 -9.07
N ALA C 99 -30.24 -33.71 -10.09
CA ALA C 99 -31.69 -33.73 -9.94
C ALA C 99 -32.19 -35.20 -9.69
N LEU C 100 -31.61 -36.15 -10.39
CA LEU C 100 -32.01 -37.54 -10.23
C LEU C 100 -31.25 -38.25 -9.09
N THR C 101 -29.93 -38.07 -9.01
CA THR C 101 -29.10 -38.70 -7.99
C THR C 101 -29.28 -38.21 -6.56
N GLY C 102 -29.67 -36.95 -6.32
CA GLY C 102 -29.54 -36.35 -4.99
C GLY C 102 -28.12 -35.90 -4.63
N ILE C 103 -28.02 -35.08 -3.59
CA ILE C 103 -26.71 -34.57 -3.11
C ILE C 103 -26.47 -35.23 -1.77
N PRO C 104 -25.36 -35.97 -1.55
CA PRO C 104 -25.15 -36.59 -0.22
C PRO C 104 -25.22 -35.60 0.93
N LEU C 105 -25.81 -36.00 2.05
CA LEU C 105 -26.03 -35.11 3.18
C LEU C 105 -24.73 -34.50 3.76
N PRO C 106 -23.62 -35.27 3.83
CA PRO C 106 -22.37 -34.67 4.31
C PRO C 106 -21.89 -33.48 3.44
N LEU C 107 -22.12 -33.54 2.12
CA LEU C 107 -21.79 -32.41 1.20
C LEU C 107 -22.72 -31.22 1.43
N ILE C 108 -24.02 -31.46 1.62
CA ILE C 108 -24.96 -30.40 1.92
C ILE C 108 -24.55 -29.64 3.21
N LYS C 109 -24.19 -30.42 4.22
CA LYS C 109 -23.87 -29.87 5.55
C LYS C 109 -22.57 -29.00 5.49
N SER C 110 -21.57 -29.50 4.78
CA SER C 110 -20.31 -28.86 4.53
C SER C 110 -20.55 -27.54 3.75
N TYR C 111 -21.34 -27.60 2.68
CA TYR C 111 -21.63 -26.38 1.92
C TYR C 111 -22.37 -25.36 2.78
N LEU C 112 -23.38 -25.77 3.54
CA LEU C 112 -24.07 -24.80 4.39
C LEU C 112 -23.15 -24.15 5.47
N PHE C 113 -22.28 -24.98 6.03
CA PHE C 113 -21.32 -24.55 7.07
C PHE C 113 -20.38 -23.49 6.47
N GLN C 114 -19.88 -23.76 5.27
CA GLN C 114 -18.98 -22.84 4.60
C GLN C 114 -19.69 -21.50 4.22
N LEU C 115 -20.96 -21.57 3.81
CA LEU C 115 -21.71 -20.36 3.41
C LEU C 115 -21.95 -19.50 4.59
N LEU C 116 -22.26 -20.14 5.71
CA LEU C 116 -22.46 -19.36 6.95
C LEU C 116 -21.16 -18.70 7.47
N GLN C 117 -20.01 -19.34 7.31
CA GLN C 117 -18.72 -18.72 7.69
C GLN C 117 -18.46 -17.48 6.83
N GLY C 118 -18.67 -17.60 5.51
CA GLY C 118 -18.48 -16.44 4.62
C GLY C 118 -19.41 -15.30 4.96
N LEU C 119 -20.65 -15.65 5.23
CA LEU C 119 -21.65 -14.64 5.56
C LEU C 119 -21.41 -13.99 6.91
N ALA C 120 -21.01 -14.75 7.93
CA ALA C 120 -20.71 -14.15 9.24
C ALA C 120 -19.55 -13.15 9.13
N PHE C 121 -18.56 -13.48 8.29
CA PHE C 121 -17.42 -12.57 8.01
C PHE C 121 -17.93 -11.24 7.38
N CYS C 122 -18.83 -11.33 6.38
CA CYS C 122 -19.48 -10.14 5.79
C CYS C 122 -20.15 -9.26 6.85
N HIS C 123 -21.01 -9.88 7.66
CA HIS C 123 -21.74 -9.15 8.66
C HIS C 123 -20.86 -8.53 9.76
N SER C 124 -19.80 -9.24 10.17
CA SER C 124 -18.76 -8.71 11.06
C SER C 124 -17.97 -7.54 10.47
N HIS C 125 -18.02 -7.38 9.15
CA HIS C 125 -17.37 -6.25 8.45
C HIS C 125 -18.38 -5.28 7.88
N ARG C 126 -19.56 -5.23 8.46
CA ARG C 126 -20.61 -4.27 8.08
C ARG C 126 -21.09 -4.28 6.63
N VAL C 127 -21.08 -5.46 6.02
CA VAL C 127 -21.55 -5.65 4.62
C VAL C 127 -22.79 -6.58 4.52
N LEU C 128 -23.87 -6.10 3.88
CA LEU C 128 -25.02 -6.94 3.46
C LEU C 128 -24.77 -7.36 2.03
N HIS C 129 -24.97 -8.64 1.74
CA HIS C 129 -24.82 -9.15 0.36
C HIS C 129 -26.05 -8.81 -0.56
N ARG C 130 -27.25 -9.21 -0.10
CA ARG C 130 -28.54 -8.87 -0.73
C ARG C 130 -28.82 -9.50 -2.11
N ASP C 131 -28.10 -10.54 -2.46
CA ASP C 131 -28.44 -11.30 -3.67
C ASP C 131 -27.95 -12.72 -3.61
N LEU C 132 -28.19 -13.35 -2.44
CA LEU C 132 -27.80 -14.75 -2.28
C LEU C 132 -28.88 -15.62 -3.02
N LYS C 133 -28.43 -16.29 -4.05
CA LYS C 133 -29.21 -17.23 -4.81
C LYS C 133 -28.19 -18.21 -5.31
N PRO C 134 -28.61 -19.40 -5.71
CA PRO C 134 -27.70 -20.49 -6.09
C PRO C 134 -26.76 -20.15 -7.23
N GLN C 135 -27.23 -19.29 -8.18
CA GLN C 135 -26.39 -18.86 -9.30
C GLN C 135 -25.17 -18.01 -8.89
N ASN C 136 -25.24 -17.31 -7.75
CA ASN C 136 -24.13 -16.52 -7.22
C ASN C 136 -23.24 -17.25 -6.16
N LEU C 137 -23.37 -18.57 -6.04
CA LEU C 137 -22.55 -19.40 -5.14
C LEU C 137 -21.74 -20.36 -5.96
N LEU C 138 -20.41 -20.31 -5.86
CA LEU C 138 -19.55 -21.02 -6.80
C LEU C 138 -18.83 -22.14 -6.07
N ILE C 139 -18.69 -23.29 -6.75
CA ILE C 139 -18.03 -24.49 -6.16
C ILE C 139 -16.83 -24.86 -7.02
N ASN C 140 -15.84 -25.44 -6.34
CA ASN C 140 -14.72 -26.05 -7.02
C ASN C 140 -14.68 -27.60 -6.81
N THR C 141 -13.71 -28.24 -7.49
CA THR C 141 -13.62 -29.72 -7.45
C THR C 141 -13.11 -30.28 -6.10
N GLU C 142 -12.57 -29.43 -5.23
CA GLU C 142 -11.97 -29.89 -3.97
C GLU C 142 -12.89 -29.74 -2.75
N GLY C 143 -14.11 -29.29 -2.94
CA GLY C 143 -15.04 -29.24 -1.84
C GLY C 143 -15.38 -27.86 -1.27
N ALA C 144 -14.73 -26.82 -1.81
CA ALA C 144 -14.99 -25.43 -1.36
C ALA C 144 -16.29 -24.90 -2.02
N ILE C 145 -17.02 -24.04 -1.32
CA ILE C 145 -18.07 -23.16 -1.92
C ILE C 145 -17.79 -21.70 -1.46
N LYS C 146 -18.04 -20.74 -2.36
CA LYS C 146 -17.79 -19.31 -2.10
C LYS C 146 -18.92 -18.36 -2.56
N LEU C 147 -19.16 -17.29 -1.77
CA LEU C 147 -20.02 -16.19 -2.14
C LEU C 147 -19.41 -15.36 -3.28
N ALA C 148 -20.22 -15.08 -4.32
CA ALA C 148 -19.83 -14.21 -5.43
C ALA C 148 -20.91 -13.20 -5.79
N ASP C 149 -20.52 -12.27 -6.68
CA ASP C 149 -21.36 -11.12 -7.12
C ASP C 149 -21.81 -10.19 -6.01
N PHE C 150 -20.94 -9.22 -5.69
CA PHE C 150 -21.16 -8.17 -4.70
C PHE C 150 -21.67 -6.85 -5.33
N GLY C 151 -22.20 -6.90 -6.55
CA GLY C 151 -22.74 -5.68 -7.20
C GLY C 151 -23.99 -5.09 -6.54
N LEU C 152 -24.74 -5.92 -5.81
CA LEU C 152 -25.90 -5.47 -5.06
C LEU C 152 -25.66 -5.33 -3.56
N ALA C 153 -24.43 -5.43 -3.13
CA ALA C 153 -24.06 -5.31 -1.73
C ALA C 153 -24.05 -3.88 -1.25
N ARG C 154 -23.93 -3.69 0.06
CA ARG C 154 -23.91 -2.33 0.62
C ARG C 154 -23.38 -2.28 2.06
N ALA C 155 -22.47 -1.34 2.32
CA ALA C 155 -21.90 -1.16 3.66
C ALA C 155 -22.95 -0.52 4.55
N PHE C 156 -23.31 -1.14 5.66
CA PHE C 156 -24.37 -0.63 6.53
C PHE C 156 -23.80 0.07 7.76
N GLY C 157 -24.65 0.89 8.38
CA GLY C 157 -24.36 1.57 9.66
C GLY C 157 -25.11 0.92 10.83
N VAL C 158 -24.72 1.30 12.05
CA VAL C 158 -25.30 0.70 13.25
C VAL C 158 -25.87 1.85 14.10
N PRO C 159 -27.18 1.87 14.34
CA PRO C 159 -28.19 1.00 13.73
C PRO C 159 -28.46 1.32 12.22
N VAL C 160 -29.10 0.40 11.51
CA VAL C 160 -29.31 0.49 10.04
C VAL C 160 -30.23 1.64 9.73
N ARG C 161 -30.08 2.30 8.58
CA ARG C 161 -31.19 3.18 8.16
C ARG C 161 -31.93 2.55 6.98
N THR C 162 -32.87 3.28 6.37
CA THR C 162 -33.64 2.79 5.22
C THR C 162 -32.72 2.70 4.00
N TYR C 163 -32.73 1.55 3.34
CA TYR C 163 -31.91 1.30 2.16
C TYR C 163 -32.82 0.96 0.96
N TPO C 164 -32.22 0.56 -0.17
CA TPO C 164 -32.94 0.31 -1.41
CB TPO C 164 -31.91 -0.02 -2.50
CG2 TPO C 164 -32.62 -0.32 -3.84
OG1 TPO C 164 -31.01 1.13 -2.71
P TPO C 164 -29.44 0.84 -2.28
O1P TPO C 164 -29.41 0.44 -0.83
O2P TPO C 164 -28.69 2.16 -2.46
O3P TPO C 164 -28.96 -0.23 -3.14
C TPO C 164 -33.97 -0.79 -1.23
O TPO C 164 -33.64 -1.85 -0.70
N HIS C 165 -35.20 -0.53 -1.65
CA HIS C 165 -36.30 -1.54 -1.58
C HIS C 165 -36.25 -2.67 -2.61
N GLU C 166 -35.63 -2.45 -3.77
CA GLU C 166 -35.68 -3.39 -4.89
C GLU C 166 -34.51 -4.35 -4.79
N VAL C 167 -34.58 -5.19 -3.73
CA VAL C 167 -33.47 -6.09 -3.40
C VAL C 167 -33.90 -7.55 -3.19
N VAL C 168 -32.94 -8.41 -3.61
CA VAL C 168 -32.97 -9.86 -3.56
C VAL C 168 -33.92 -10.41 -4.66
N THR C 169 -33.41 -11.30 -5.47
CA THR C 169 -34.21 -12.14 -6.40
C THR C 169 -35.46 -12.70 -5.68
N LEU C 170 -36.63 -12.56 -6.32
CA LEU C 170 -37.95 -12.80 -5.68
C LEU C 170 -38.04 -14.07 -4.87
N TRP C 171 -37.63 -15.18 -5.44
CA TRP C 171 -37.80 -16.48 -4.77
C TRP C 171 -37.04 -16.58 -3.41
N TYR C 172 -36.04 -15.70 -3.22
CA TYR C 172 -35.09 -15.73 -2.05
C TYR C 172 -35.26 -14.53 -1.15
N ARG C 173 -36.32 -13.76 -1.39
CA ARG C 173 -36.58 -12.48 -0.71
C ARG C 173 -37.38 -12.64 0.56
N ALA C 174 -36.89 -12.00 1.63
CA ALA C 174 -37.45 -12.15 2.97
C ALA C 174 -38.82 -11.45 3.07
N PRO C 175 -39.71 -11.92 3.99
CA PRO C 175 -41.03 -11.30 4.15
C PRO C 175 -40.99 -9.83 4.52
N GLU C 176 -40.02 -9.40 5.33
CA GLU C 176 -39.96 -8.00 5.70
C GLU C 176 -39.68 -7.05 4.50
N ILE C 177 -39.00 -7.56 3.47
CA ILE C 177 -38.79 -6.78 2.24
C ILE C 177 -40.10 -6.81 1.41
N LEU C 178 -40.71 -7.98 1.25
CA LEU C 178 -42.00 -8.09 0.55
C LEU C 178 -43.09 -7.20 1.14
N LEU C 179 -43.08 -7.00 2.47
CA LEU C 179 -44.12 -6.19 3.11
C LEU C 179 -43.77 -4.72 3.24
N GLY C 180 -42.63 -4.31 2.66
CA GLY C 180 -42.27 -2.88 2.64
C GLY C 180 -41.89 -2.26 3.97
N CYS C 181 -41.32 -3.05 4.89
CA CYS C 181 -40.87 -2.50 6.17
C CYS C 181 -39.86 -1.36 5.97
N LYS C 182 -39.92 -0.38 6.85
CA LYS C 182 -39.01 0.74 6.81
C LYS C 182 -37.53 0.34 6.93
N TYR C 183 -37.25 -0.63 7.80
CA TYR C 183 -35.88 -1.14 8.05
C TYR C 183 -35.76 -2.60 7.71
N TYR C 184 -34.59 -2.99 7.19
CA TYR C 184 -34.20 -4.39 7.13
C TYR C 184 -32.69 -4.48 7.44
N SER C 185 -32.24 -5.68 7.83
CA SER C 185 -30.89 -5.86 8.39
C SER C 185 -30.29 -7.18 7.95
N THR C 186 -29.32 -7.69 8.75
CA THR C 186 -28.58 -8.90 8.42
C THR C 186 -29.48 -10.13 8.25
N ALA C 187 -30.64 -10.13 8.92
CA ALA C 187 -31.64 -11.22 8.81
C ALA C 187 -32.09 -11.51 7.38
N VAL C 188 -32.04 -10.52 6.48
CA VAL C 188 -32.41 -10.79 5.08
C VAL C 188 -31.51 -11.76 4.38
N ASP C 189 -30.21 -11.75 4.70
CA ASP C 189 -29.28 -12.70 4.07
C ASP C 189 -29.46 -14.12 4.66
N ILE C 190 -29.81 -14.19 5.93
CA ILE C 190 -30.11 -15.52 6.53
C ILE C 190 -31.35 -16.20 5.91
N TRP C 191 -32.41 -15.42 5.67
CA TRP C 191 -33.63 -15.94 5.00
C TRP C 191 -33.21 -16.60 3.68
N SER C 192 -32.44 -15.87 2.86
CA SER C 192 -31.97 -16.44 1.60
C SER C 192 -31.23 -17.77 1.77
N LEU C 193 -30.30 -17.83 2.75
CA LEU C 193 -29.56 -19.07 2.96
C LEU C 193 -30.48 -20.24 3.43
N GLY C 194 -31.52 -19.94 4.19
CA GLY C 194 -32.57 -20.96 4.56
C GLY C 194 -33.24 -21.56 3.34
N CYS C 195 -33.62 -20.66 2.41
CA CYS C 195 -34.20 -21.10 1.14
C CYS C 195 -33.23 -21.95 0.39
N ILE C 196 -31.92 -21.60 0.44
CA ILE C 196 -30.94 -22.37 -0.28
C ILE C 196 -30.66 -23.77 0.34
N PHE C 197 -30.74 -23.87 1.66
CA PHE C 197 -30.54 -25.15 2.34
C PHE C 197 -31.61 -26.11 1.83
N ALA C 198 -32.86 -25.70 1.99
CA ALA C 198 -34.05 -26.51 1.50
C ALA C 198 -33.89 -26.97 0.08
N GLU C 199 -33.42 -26.05 -0.79
CA GLU C 199 -33.19 -26.38 -2.20
C GLU C 199 -32.09 -27.41 -2.46
N MET C 200 -31.03 -27.38 -1.66
CA MET C 200 -30.01 -28.42 -1.79
C MET C 200 -30.59 -29.83 -1.45
N VAL C 201 -31.48 -29.89 -0.47
CA VAL C 201 -32.07 -31.16 -0.01
C VAL C 201 -33.06 -31.72 -1.09
N THR C 202 -33.95 -30.88 -1.62
CA THR C 202 -34.96 -31.29 -2.64
C THR C 202 -34.55 -31.15 -4.14
N ARG C 203 -33.71 -30.16 -4.39
CA ARG C 203 -33.27 -29.87 -5.75
C ARG C 203 -34.24 -28.92 -6.47
N ARG C 204 -35.29 -28.49 -5.78
CA ARG C 204 -36.27 -27.59 -6.37
C ARG C 204 -36.38 -26.42 -5.42
N ALA C 205 -36.73 -25.25 -5.97
CA ALA C 205 -36.80 -24.05 -5.18
C ALA C 205 -37.86 -24.24 -4.13
N LEU C 206 -37.64 -23.72 -2.93
CA LEU C 206 -38.61 -23.82 -1.85
C LEU C 206 -39.87 -22.97 -2.06
N PHE C 207 -39.71 -21.72 -2.49
CA PHE C 207 -40.84 -20.80 -2.65
C PHE C 207 -40.82 -20.14 -4.05
N PRO C 208 -41.23 -20.89 -5.11
CA PRO C 208 -41.09 -20.32 -6.44
C PRO C 208 -42.29 -19.49 -6.90
N GLY C 209 -42.48 -18.30 -6.36
CA GLY C 209 -43.67 -17.53 -6.63
C GLY C 209 -43.57 -16.97 -8.04
N ASP C 210 -44.71 -16.74 -8.69
CA ASP C 210 -44.70 -16.06 -10.00
C ASP C 210 -45.07 -14.58 -9.96
N SER C 211 -45.31 -14.05 -8.76
CA SER C 211 -45.58 -12.64 -8.53
C SER C 211 -45.36 -12.40 -7.04
N GLU C 212 -45.37 -11.15 -6.62
CA GLU C 212 -45.24 -10.82 -5.20
C GLU C 212 -46.33 -11.40 -4.29
N ILE C 213 -47.60 -11.37 -4.71
CA ILE C 213 -48.65 -11.93 -3.86
C ILE C 213 -48.57 -13.47 -3.80
N ASP C 214 -48.25 -14.13 -4.92
CA ASP C 214 -48.11 -15.57 -4.95
C ASP C 214 -46.91 -15.95 -4.04
N GLN C 215 -45.84 -15.15 -4.07
CA GLN C 215 -44.66 -15.34 -3.15
C GLN C 215 -45.08 -15.29 -1.68
N LEU C 216 -45.77 -14.23 -1.28
CA LEU C 216 -46.35 -14.14 0.08
C LEU C 216 -47.26 -15.30 0.50
N PHE C 217 -48.19 -15.70 -0.37
CA PHE C 217 -49.09 -16.82 -0.04
C PHE C 217 -48.36 -18.12 0.12
N ARG C 218 -47.35 -18.40 -0.71
CA ARG C 218 -46.49 -19.59 -0.57
C ARG C 218 -45.79 -19.58 0.79
N ILE C 219 -45.31 -18.41 1.20
CA ILE C 219 -44.63 -18.33 2.51
C ILE C 219 -45.64 -18.55 3.67
N PHE C 220 -46.76 -17.84 3.62
CA PHE C 220 -47.78 -17.91 4.70
C PHE C 220 -48.39 -19.32 4.83
N ARG C 221 -48.53 -20.03 3.73
CA ARG C 221 -49.09 -21.39 3.75
C ARG C 221 -48.14 -22.42 4.38
N THR C 222 -46.86 -22.07 4.46
CA THR C 222 -45.85 -22.94 5.02
C THR C 222 -45.63 -22.62 6.51
N LEU C 223 -45.65 -21.35 6.86
CA LEU C 223 -45.25 -20.94 8.19
C LEU C 223 -46.41 -20.38 9.04
N GLY C 224 -47.63 -20.30 8.48
CA GLY C 224 -48.74 -19.49 9.07
C GLY C 224 -48.62 -18.01 8.70
N THR C 225 -49.72 -17.26 8.75
CA THR C 225 -49.71 -15.78 8.65
C THR C 225 -49.19 -15.16 9.97
N PRO C 226 -48.31 -14.13 9.95
CA PRO C 226 -47.91 -13.50 11.22
C PRO C 226 -49.01 -12.67 11.89
N ASP C 227 -49.09 -12.75 13.22
CA ASP C 227 -49.92 -11.86 14.04
C ASP C 227 -49.06 -11.06 15.03
N GLU C 228 -49.70 -10.20 15.83
CA GLU C 228 -49.01 -9.34 16.79
C GLU C 228 -48.28 -10.14 17.90
N VAL C 229 -48.70 -11.37 18.19
CA VAL C 229 -47.93 -12.23 19.13
C VAL C 229 -46.59 -12.69 18.53
N VAL C 230 -46.60 -13.27 17.34
CA VAL C 230 -45.36 -13.76 16.70
C VAL C 230 -44.46 -12.57 16.26
N TRP C 231 -45.04 -11.42 15.87
CA TRP C 231 -44.25 -10.36 15.23
C TRP C 231 -44.87 -9.02 15.59
N PRO C 232 -44.50 -8.46 16.76
CA PRO C 232 -45.10 -7.16 17.17
C PRO C 232 -44.92 -6.04 16.13
N GLY C 233 -45.98 -5.29 15.86
CA GLY C 233 -45.98 -4.27 14.80
C GLY C 233 -46.41 -4.69 13.39
N VAL C 234 -46.49 -6.00 13.11
CA VAL C 234 -46.72 -6.51 11.75
C VAL C 234 -47.98 -5.89 11.11
N THR C 235 -49.06 -5.76 11.90
CA THR C 235 -50.36 -5.30 11.40
C THR C 235 -50.41 -3.81 11.08
N SER C 236 -49.42 -3.05 11.52
CA SER C 236 -49.26 -1.64 11.08
C SER C 236 -48.28 -1.43 9.90
N MET C 237 -47.64 -2.47 9.39
CA MET C 237 -46.61 -2.29 8.32
C MET C 237 -47.17 -1.70 7.02
N PRO C 238 -46.37 -0.90 6.26
CA PRO C 238 -46.90 -0.18 5.07
C PRO C 238 -47.65 -1.01 4.03
N ASP C 239 -47.20 -2.22 3.68
CA ASP C 239 -47.96 -3.03 2.69
C ASP C 239 -48.70 -4.26 3.27
N TYR C 240 -48.75 -4.35 4.60
CA TYR C 240 -49.68 -5.26 5.26
C TYR C 240 -51.06 -4.60 5.15
N LYS C 241 -52.10 -5.38 4.92
CA LYS C 241 -53.44 -4.81 4.64
C LYS C 241 -54.47 -5.46 5.58
N PRO C 242 -55.44 -4.68 6.15
CA PRO C 242 -56.47 -5.34 6.97
C PRO C 242 -57.29 -6.41 6.23
N SER C 243 -57.31 -6.42 4.89
CA SER C 243 -57.97 -7.53 4.14
C SER C 243 -57.15 -8.86 4.05
N PHE C 244 -55.88 -8.84 4.49
CA PHE C 244 -55.05 -10.04 4.52
C PHE C 244 -55.73 -11.15 5.31
N PRO C 245 -55.60 -12.39 4.82
CA PRO C 245 -56.08 -13.54 5.61
C PRO C 245 -55.07 -14.20 6.63
N LYS C 246 -55.60 -14.68 7.76
CA LYS C 246 -54.77 -15.17 8.87
C LYS C 246 -54.79 -16.69 9.08
N TRP C 247 -53.85 -17.39 8.43
CA TRP C 247 -53.83 -18.85 8.43
C TRP C 247 -52.99 -19.35 9.59
N ALA C 248 -53.41 -20.48 10.15
CA ALA C 248 -52.70 -21.16 11.24
C ALA C 248 -51.39 -21.80 10.73
N ARG C 249 -50.40 -21.86 11.61
CA ARG C 249 -49.04 -22.33 11.32
C ARG C 249 -48.92 -23.84 11.12
N GLN C 250 -48.01 -24.25 10.21
CA GLN C 250 -47.82 -25.63 9.76
C GLN C 250 -46.55 -26.37 10.32
N ASP C 251 -46.74 -27.65 10.63
CA ASP C 251 -45.72 -28.60 11.03
C ASP C 251 -44.59 -28.70 9.98
N PHE C 252 -43.38 -28.42 10.41
CA PHE C 252 -42.20 -28.46 9.53
C PHE C 252 -41.81 -29.79 8.89
N SER C 253 -42.24 -30.90 9.47
CA SER C 253 -41.81 -32.23 9.03
C SER C 253 -42.16 -32.59 7.54
N LYS C 254 -43.21 -31.95 7.06
CA LYS C 254 -43.73 -32.18 5.70
C LYS C 254 -43.06 -31.24 4.69
N VAL C 255 -42.47 -30.14 5.18
CA VAL C 255 -41.81 -29.17 4.31
C VAL C 255 -40.54 -29.73 3.66
N VAL C 256 -39.68 -30.43 4.42
CA VAL C 256 -38.46 -31.05 3.84
C VAL C 256 -38.35 -32.45 4.45
N PRO C 257 -39.11 -33.41 3.88
CA PRO C 257 -39.18 -34.73 4.49
C PRO C 257 -37.87 -35.51 4.72
N PRO C 258 -36.88 -35.44 3.81
CA PRO C 258 -35.63 -36.20 4.10
C PRO C 258 -34.75 -35.71 5.23
N LEU C 259 -35.03 -34.52 5.78
CA LEU C 259 -34.17 -33.89 6.80
C LEU C 259 -34.39 -34.51 8.19
N ASP C 260 -33.29 -34.79 8.90
CA ASP C 260 -33.29 -35.19 10.33
C ASP C 260 -33.78 -34.09 11.30
N GLU C 261 -33.96 -34.43 12.56
CA GLU C 261 -34.45 -33.48 13.56
C GLU C 261 -33.57 -32.21 13.78
N ASP C 262 -32.25 -32.37 13.81
CA ASP C 262 -31.36 -31.20 13.99
C ASP C 262 -31.45 -30.23 12.78
N GLY C 263 -31.38 -30.81 11.58
CA GLY C 263 -31.55 -30.12 10.31
C GLY C 263 -32.84 -29.32 10.27
N ARG C 264 -33.96 -29.93 10.67
CA ARG C 264 -35.24 -29.21 10.73
C ARG C 264 -35.23 -28.11 11.75
N SER C 265 -34.64 -28.36 12.91
CA SER C 265 -34.52 -27.29 13.91
C SER C 265 -33.78 -26.04 13.31
N LEU C 266 -32.65 -26.27 12.66
CA LEU C 266 -31.82 -25.14 12.11
C LEU C 266 -32.64 -24.42 10.99
N LEU C 267 -33.21 -25.18 10.06
CA LEU C 267 -34.02 -24.60 8.97
C LEU C 267 -35.15 -23.75 9.50
N SER C 268 -35.87 -24.25 10.51
CA SER C 268 -36.97 -23.46 11.13
C SER C 268 -36.47 -22.17 11.76
N GLN C 269 -35.25 -22.16 12.31
CA GLN C 269 -34.71 -20.90 12.88
C GLN C 269 -34.21 -19.90 11.79
N MET C 270 -33.78 -20.42 10.65
CA MET C 270 -33.35 -19.56 9.50
C MET C 270 -34.54 -18.92 8.79
N LEU C 271 -35.71 -19.58 8.87
CA LEU C 271 -36.93 -19.10 8.22
C LEU C 271 -37.97 -18.59 9.18
N HIS C 272 -37.54 -18.09 10.34
CA HIS C 272 -38.47 -17.48 11.29
C HIS C 272 -39.04 -16.20 10.69
N TYR C 273 -40.34 -15.94 10.83
CA TYR C 273 -40.96 -14.66 10.40
C TYR C 273 -40.34 -13.39 10.92
N ASP C 274 -40.22 -13.33 12.23
CA ASP C 274 -39.77 -12.14 12.92
C ASP C 274 -38.25 -12.00 12.71
N PRO C 275 -37.78 -10.94 12.01
CA PRO C 275 -36.32 -10.75 11.83
C PRO C 275 -35.51 -10.69 13.14
N ASN C 276 -36.14 -10.21 14.22
CA ASN C 276 -35.52 -10.18 15.56
C ASN C 276 -35.31 -11.54 16.16
N LYS C 277 -36.09 -12.54 15.78
CA LYS C 277 -35.94 -13.91 16.30
C LYS C 277 -35.20 -14.83 15.38
N ARG C 278 -35.09 -14.48 14.10
CA ARG C 278 -34.34 -15.29 13.15
C ARG C 278 -32.89 -15.47 13.68
N ILE C 279 -32.34 -16.67 13.51
CA ILE C 279 -30.98 -16.97 13.93
C ILE C 279 -29.93 -16.11 13.18
N SER C 280 -28.85 -15.73 13.85
CA SER C 280 -27.70 -15.03 13.17
C SER C 280 -26.77 -16.05 12.53
N ALA C 281 -25.95 -15.63 11.57
CA ALA C 281 -24.95 -16.58 10.97
C ALA C 281 -24.00 -17.09 12.04
N LYS C 282 -23.56 -16.19 12.92
CA LYS C 282 -22.64 -16.52 14.01
C LYS C 282 -23.27 -17.61 14.95
N ALA C 283 -24.49 -17.37 15.42
CA ALA C 283 -25.18 -18.43 16.27
C ALA C 283 -25.47 -19.75 15.53
N ALA C 284 -25.77 -19.70 14.24
CA ALA C 284 -26.04 -20.91 13.47
C ALA C 284 -24.82 -21.83 13.36
N LEU C 285 -23.63 -21.25 13.34
CA LEU C 285 -22.40 -22.08 13.22
C LEU C 285 -22.19 -22.99 14.46
N ALA C 286 -22.79 -22.63 15.57
CA ALA C 286 -22.72 -23.42 16.79
C ALA C 286 -23.87 -24.43 16.94
N HIS C 287 -24.78 -24.52 15.96
CA HIS C 287 -25.95 -25.37 16.08
C HIS C 287 -25.53 -26.84 16.04
N PRO C 288 -26.20 -27.71 16.84
CA PRO C 288 -25.90 -29.17 16.86
C PRO C 288 -25.86 -29.88 15.50
N PHE C 289 -26.58 -29.38 14.49
CA PHE C 289 -26.52 -29.95 13.14
C PHE C 289 -25.09 -30.03 12.61
N PHE C 290 -24.23 -29.09 13.00
CA PHE C 290 -22.86 -29.07 12.49
C PHE C 290 -21.82 -29.82 13.34
N GLN C 291 -22.27 -30.47 14.42
CA GLN C 291 -21.29 -31.12 15.32
C GLN C 291 -20.39 -32.13 14.61
N ASP C 292 -20.91 -32.85 13.61
CA ASP C 292 -20.05 -33.81 12.87
C ASP C 292 -19.56 -33.38 11.46
N VAL C 293 -19.54 -32.07 11.19
CA VAL C 293 -19.28 -31.62 9.81
C VAL C 293 -17.88 -31.99 9.33
N THR C 294 -17.80 -32.47 8.09
CA THR C 294 -16.54 -32.76 7.35
C THR C 294 -16.45 -31.93 6.04
N LYS C 295 -15.54 -32.27 5.13
CA LYS C 295 -15.42 -31.61 3.84
C LYS C 295 -15.26 -32.59 2.67
N PRO C 296 -16.35 -33.23 2.26
CA PRO C 296 -16.29 -34.11 1.04
C PRO C 296 -16.04 -33.39 -0.24
N VAL C 297 -15.47 -34.06 -1.24
CA VAL C 297 -15.42 -33.46 -2.61
C VAL C 297 -16.80 -33.62 -3.27
N PRO C 298 -17.14 -32.74 -4.21
CA PRO C 298 -18.41 -32.95 -4.86
C PRO C 298 -18.32 -34.11 -5.80
N HIS C 299 -19.47 -34.71 -6.03
CA HIS C 299 -19.58 -35.89 -6.87
C HIS C 299 -19.57 -35.57 -8.40
N LEU C 300 -19.20 -34.34 -8.77
CA LEU C 300 -19.34 -33.82 -10.14
C LEU C 300 -20.62 -34.30 -10.86
N VAL D 2 -32.46 -6.61 15.97
CA VAL D 2 -31.58 -7.04 14.79
C VAL D 2 -31.16 -5.81 13.96
N ASN D 3 -31.99 -4.77 13.94
CA ASN D 3 -31.58 -3.47 13.38
C ASN D 3 -30.40 -2.81 14.12
N GLU D 4 -30.12 -3.22 15.36
CA GLU D 4 -28.91 -2.80 16.15
C GLU D 4 -27.76 -3.83 16.12
N VAL D 5 -27.92 -4.87 15.29
CA VAL D 5 -26.97 -6.01 15.13
C VAL D 5 -26.24 -6.50 16.40
N PRO D 6 -27.03 -6.96 17.41
CA PRO D 6 -26.46 -7.38 18.71
C PRO D 6 -25.32 -8.38 18.64
N ASP D 7 -25.35 -9.31 17.70
CA ASP D 7 -24.29 -10.31 17.59
C ASP D 7 -23.03 -9.81 16.88
N TYR D 8 -23.04 -8.61 16.28
CA TYR D 8 -21.89 -8.16 15.50
C TYR D 8 -21.40 -6.78 15.88
N HIS D 9 -22.15 -6.02 16.69
CA HIS D 9 -21.78 -4.61 16.91
C HIS D 9 -20.36 -4.43 17.48
N GLU D 10 -19.90 -5.30 18.40
CA GLU D 10 -18.50 -5.21 18.87
C GLU D 10 -17.46 -5.52 17.81
N ASP D 11 -17.65 -6.58 17.02
CA ASP D 11 -16.73 -6.86 15.87
C ASP D 11 -16.69 -5.68 14.89
N ILE D 12 -17.87 -5.10 14.61
CA ILE D 12 -17.93 -3.95 13.63
C ILE D 12 -17.14 -2.74 14.20
N HIS D 13 -17.39 -2.42 15.48
CA HIS D 13 -16.69 -1.29 16.15
C HIS D 13 -15.15 -1.46 16.08
N THR D 14 -14.69 -2.65 16.45
CA THR D 14 -13.25 -2.96 16.36
C THR D 14 -12.69 -2.78 14.96
N TYR D 15 -13.45 -3.26 13.99
CA TYR D 15 -13.06 -3.15 12.59
C TYR D 15 -12.98 -1.68 12.10
N LEU D 16 -13.96 -0.88 12.44
CA LEU D 16 -13.95 0.59 12.13
C LEU D 16 -12.76 1.30 12.79
N ARG D 17 -12.42 0.90 14.02
CA ARG D 17 -11.21 1.49 14.69
C ARG D 17 -9.89 1.20 13.94
N GLU D 18 -9.77 0.01 13.36
CA GLU D 18 -8.63 -0.34 12.51
C GLU D 18 -8.65 0.45 11.17
N MET D 19 -9.82 0.50 10.53
CA MET D 19 -9.92 1.19 9.22
C MET D 19 -9.73 2.72 9.32
N GLU D 20 -10.17 3.37 10.42
CA GLU D 20 -9.94 4.84 10.53
C GLU D 20 -8.45 5.24 10.50
N VAL D 21 -7.61 4.38 11.07
CA VAL D 21 -6.16 4.57 11.01
C VAL D 21 -5.63 4.42 9.58
N LYS D 22 -6.09 3.43 8.83
CA LYS D 22 -5.68 3.28 7.41
C LYS D 22 -6.23 4.34 6.43
N CYS D 23 -7.45 4.84 6.65
CA CYS D 23 -8.08 5.89 5.79
C CYS D 23 -7.69 7.35 6.21
N LYS D 24 -6.67 7.48 7.05
CA LYS D 24 -6.37 8.76 7.67
C LYS D 24 -5.57 9.64 6.71
N PRO D 25 -6.02 10.88 6.44
CA PRO D 25 -5.19 11.75 5.56
C PRO D 25 -3.88 12.15 6.20
N LYS D 26 -2.97 12.74 5.44
CA LYS D 26 -1.70 13.28 6.00
C LYS D 26 -1.95 14.54 6.81
N VAL D 27 -1.53 14.53 8.08
CA VAL D 27 -1.84 15.63 9.02
C VAL D 27 -1.31 16.96 8.51
N GLY D 28 -0.12 16.98 7.93
CA GLY D 28 0.42 18.27 7.48
C GLY D 28 0.41 18.55 5.99
N TYR D 29 -0.61 18.08 5.28
CA TYR D 29 -0.58 18.16 3.79
C TYR D 29 -0.64 19.58 3.20
N MET D 30 -1.33 20.49 3.86
CA MET D 30 -1.54 21.82 3.30
C MET D 30 -0.25 22.67 3.17
N LYS D 31 0.69 22.44 4.07
CA LYS D 31 2.00 23.09 3.99
C LYS D 31 2.80 22.58 2.78
N LYS D 32 2.51 21.37 2.26
CA LYS D 32 3.15 20.86 1.05
C LYS D 32 2.34 21.24 -0.22
N GLN D 33 1.20 21.89 -0.10
CA GLN D 33 0.46 22.35 -1.27
C GLN D 33 0.93 23.76 -1.65
N PRO D 34 1.62 23.93 -2.77
CA PRO D 34 2.10 25.29 -3.06
C PRO D 34 1.03 26.37 -3.37
N ASP D 35 -0.17 26.00 -3.83
CA ASP D 35 -1.14 27.02 -4.32
C ASP D 35 -2.44 27.14 -3.53
N ILE D 36 -2.68 26.25 -2.60
CA ILE D 36 -3.95 26.24 -1.82
C ILE D 36 -3.66 26.29 -0.32
N THR D 37 -4.66 26.70 0.45
CA THR D 37 -4.57 26.87 1.92
C THR D 37 -5.76 26.33 2.70
N ASN D 38 -5.64 26.31 4.04
CA ASN D 38 -6.73 25.91 4.95
C ASN D 38 -7.98 26.75 4.79
N SER D 39 -7.77 28.03 4.52
CA SER D 39 -8.89 28.95 4.28
C SER D 39 -9.67 28.63 3.00
N MET D 40 -8.95 28.31 1.91
CA MET D 40 -9.64 27.84 0.68
C MET D 40 -10.37 26.50 0.90
N ARG D 41 -9.80 25.58 1.64
CA ARG D 41 -10.48 24.32 1.96
C ARG D 41 -11.78 24.54 2.73
N ALA D 42 -11.77 25.54 3.65
CA ALA D 42 -12.98 25.84 4.43
C ALA D 42 -14.10 26.34 3.56
N ILE D 43 -13.76 27.17 2.59
CA ILE D 43 -14.77 27.62 1.63
C ILE D 43 -15.38 26.41 0.84
N LEU D 44 -14.53 25.48 0.40
CA LEU D 44 -15.02 24.30 -0.33
C LEU D 44 -15.97 23.41 0.50
N VAL D 45 -15.58 23.14 1.75
CA VAL D 45 -16.37 22.29 2.62
C VAL D 45 -17.73 22.93 2.94
N ASP D 46 -17.70 24.25 3.15
CA ASP D 46 -18.96 25.00 3.40
C ASP D 46 -19.91 24.96 2.21
N TRP D 47 -19.36 25.10 1.01
CA TRP D 47 -20.13 24.89 -0.22
C TRP D 47 -20.71 23.45 -0.33
N LEU D 48 -19.94 22.42 0.04
CA LEU D 48 -20.53 21.06 0.03
C LEU D 48 -21.73 20.90 0.97
N VAL D 49 -21.68 21.57 2.12
CA VAL D 49 -22.81 21.55 3.06
C VAL D 49 -24.09 22.11 2.38
N GLU D 50 -23.94 23.25 1.71
CA GLU D 50 -25.04 23.84 0.91
C GLU D 50 -25.54 22.91 -0.17
N VAL D 51 -24.64 22.25 -0.91
CA VAL D 51 -25.08 21.32 -1.94
C VAL D 51 -25.89 20.17 -1.33
N GLY D 52 -25.39 19.55 -0.25
CA GLY D 52 -26.08 18.49 0.50
C GLY D 52 -27.47 18.90 1.00
N GLU D 53 -27.59 20.14 1.39
CA GLU D 53 -28.87 20.74 1.81
C GLU D 53 -29.82 20.91 0.60
N GLU D 54 -29.31 21.44 -0.50
CA GLU D 54 -30.08 21.65 -1.74
C GLU D 54 -30.61 20.35 -2.37
N TYR D 55 -29.82 19.28 -2.41
CA TYR D 55 -30.27 17.99 -2.99
C TYR D 55 -30.76 16.98 -1.96
N LYS D 56 -30.87 17.42 -0.71
CA LYS D 56 -31.43 16.60 0.38
C LYS D 56 -30.65 15.29 0.55
N LEU D 57 -29.32 15.41 0.58
CA LEU D 57 -28.42 14.24 0.71
C LEU D 57 -28.28 13.87 2.17
N GLN D 58 -27.92 12.63 2.45
CA GLN D 58 -27.60 12.21 3.81
C GLN D 58 -26.39 12.99 4.37
N ASN D 59 -26.36 13.24 5.68
CA ASN D 59 -25.14 13.80 6.28
C ASN D 59 -23.91 12.84 6.11
N GLU D 60 -24.13 11.52 6.15
CA GLU D 60 -23.02 10.54 5.89
C GLU D 60 -22.26 10.83 4.56
N THR D 61 -23.05 11.13 3.53
CA THR D 61 -22.55 11.48 2.20
C THR D 61 -21.53 12.66 2.23
N LEU D 62 -21.90 13.69 2.98
CA LEU D 62 -21.01 14.85 3.22
C LEU D 62 -19.70 14.46 3.88
N HIS D 63 -19.79 13.67 4.97
CA HIS D 63 -18.55 13.23 5.70
C HIS D 63 -17.62 12.40 4.80
N LEU D 64 -18.19 11.50 4.00
CA LEU D 64 -17.42 10.68 3.06
C LEU D 64 -16.69 11.56 2.04
N ALA D 65 -17.42 12.54 1.46
CA ALA D 65 -16.82 13.38 0.43
C ALA D 65 -15.59 14.15 0.97
N VAL D 66 -15.72 14.67 2.19
CA VAL D 66 -14.60 15.31 2.88
C VAL D 66 -13.36 14.38 3.12
N ASN D 67 -13.57 13.13 3.55
CA ASN D 67 -12.50 12.13 3.69
C ASN D 67 -11.78 11.93 2.32
N TYR D 68 -12.57 11.82 1.25
CA TYR D 68 -12.01 11.59 -0.11
C TYR D 68 -11.16 12.78 -0.56
N ILE D 69 -11.65 14.00 -0.29
CA ILE D 69 -10.90 15.23 -0.64
C ILE D 69 -9.57 15.29 0.10
N ASP D 70 -9.60 15.11 1.40
CA ASP D 70 -8.37 15.18 2.22
C ASP D 70 -7.33 14.10 1.85
N ARG D 71 -7.80 12.92 1.49
CA ARG D 71 -6.92 11.84 1.07
C ARG D 71 -6.30 12.18 -0.30
N PHE D 72 -7.12 12.68 -1.24
CA PHE D 72 -6.66 13.06 -2.57
C PHE D 72 -5.60 14.20 -2.50
N LEU D 73 -5.88 15.23 -1.72
CA LEU D 73 -4.89 16.34 -1.56
C LEU D 73 -3.63 15.94 -0.74
N SER D 74 -3.68 14.81 -0.03
CA SER D 74 -2.49 14.25 0.63
C SER D 74 -1.48 13.74 -0.35
N SER D 75 -1.87 13.39 -1.58
CA SER D 75 -0.88 12.93 -2.60
C SER D 75 -0.79 13.67 -3.94
N MET D 76 -1.72 14.53 -4.25
CA MET D 76 -1.76 15.21 -5.54
C MET D 76 -1.77 16.75 -5.27
N SER D 77 -0.80 17.43 -5.87
CA SER D 77 -0.74 18.90 -5.90
C SER D 77 -1.84 19.44 -6.83
N VAL D 78 -2.67 20.39 -6.33
CA VAL D 78 -3.83 20.94 -7.08
C VAL D 78 -3.76 22.51 -7.09
N LEU D 79 -3.94 23.11 -8.26
CA LEU D 79 -4.03 24.56 -8.37
C LEU D 79 -5.39 25.05 -7.89
N ARG D 80 -5.43 26.31 -7.46
CA ARG D 80 -6.62 26.89 -6.83
C ARG D 80 -7.86 26.83 -7.70
N GLY D 81 -7.68 27.12 -9.00
CA GLY D 81 -8.77 27.04 -10.02
C GLY D 81 -9.33 25.63 -10.25
N LYS D 82 -8.64 24.59 -9.78
CA LYS D 82 -9.16 23.20 -9.86
C LYS D 82 -9.66 22.58 -8.56
N LEU D 83 -9.60 23.32 -7.44
CA LEU D 83 -9.99 22.73 -6.13
C LEU D 83 -11.44 22.35 -6.10
N GLN D 84 -12.27 23.20 -6.70
CA GLN D 84 -13.71 22.93 -6.72
C GLN D 84 -14.06 21.72 -7.64
N LEU D 85 -13.26 21.49 -8.69
CA LEU D 85 -13.43 20.31 -9.53
C LEU D 85 -13.20 19.02 -8.71
N VAL D 86 -12.14 19.02 -7.89
CA VAL D 86 -11.90 17.89 -6.94
C VAL D 86 -13.09 17.66 -6.03
N GLY D 87 -13.56 18.72 -5.35
CA GLY D 87 -14.74 18.63 -4.48
C GLY D 87 -16.02 18.14 -5.13
N THR D 88 -16.29 18.58 -6.35
CA THR D 88 -17.48 18.14 -7.05
C THR D 88 -17.44 16.63 -7.36
N ALA D 89 -16.30 16.14 -7.89
CA ALA D 89 -16.13 14.72 -8.19
C ALA D 89 -16.16 13.87 -6.90
N ALA D 90 -15.59 14.38 -5.83
CA ALA D 90 -15.71 13.70 -4.51
C ALA D 90 -17.16 13.52 -4.04
N MET D 91 -17.97 14.57 -4.21
CA MET D 91 -19.38 14.51 -3.77
C MET D 91 -20.18 13.56 -4.64
N LEU D 92 -19.87 13.56 -5.95
CA LEU D 92 -20.48 12.61 -6.89
C LEU D 92 -20.19 11.16 -6.48
N LEU D 93 -18.90 10.86 -6.21
CA LEU D 93 -18.53 9.51 -5.76
C LEU D 93 -19.18 9.11 -4.43
N ALA D 94 -19.17 10.01 -3.45
CA ALA D 94 -19.85 9.74 -2.17
C ALA D 94 -21.32 9.46 -2.34
N SER D 95 -21.98 10.21 -3.22
CA SER D 95 -23.42 9.99 -3.52
C SER D 95 -23.67 8.63 -4.18
N LYS D 96 -22.86 8.26 -5.19
CA LYS D 96 -22.95 6.91 -5.75
C LYS D 96 -22.76 5.77 -4.73
N PHE D 97 -21.83 5.96 -3.79
CA PHE D 97 -21.52 4.91 -2.79
C PHE D 97 -22.72 4.77 -1.80
N GLU D 98 -23.22 5.92 -1.32
CA GLU D 98 -24.09 5.97 -0.13
C GLU D 98 -25.58 6.19 -0.38
N GLU D 99 -25.93 6.92 -1.44
CA GLU D 99 -27.36 7.33 -1.67
C GLU D 99 -28.17 6.29 -2.44
N ILE D 100 -29.44 6.15 -2.02
CA ILE D 100 -30.39 5.31 -2.74
C ILE D 100 -30.64 5.93 -4.14
N TYR D 101 -30.85 7.25 -4.18
CA TYR D 101 -31.13 7.99 -5.44
C TYR D 101 -30.11 9.11 -5.56
N PRO D 102 -28.88 8.80 -5.99
CA PRO D 102 -27.94 9.93 -6.12
C PRO D 102 -28.41 10.96 -7.20
N PRO D 103 -28.04 12.23 -7.05
CA PRO D 103 -28.26 13.13 -8.18
C PRO D 103 -27.49 12.70 -9.43
N GLU D 104 -28.03 13.01 -10.59
CA GLU D 104 -27.33 12.73 -11.88
C GLU D 104 -26.14 13.66 -12.08
N VAL D 105 -25.18 13.22 -12.92
CA VAL D 105 -23.99 14.03 -13.20
C VAL D 105 -24.33 15.45 -13.66
N ALA D 106 -25.40 15.59 -14.49
CA ALA D 106 -25.77 16.94 -14.99
C ALA D 106 -26.03 17.92 -13.84
N GLU D 107 -26.60 17.39 -12.75
CA GLU D 107 -26.88 18.23 -11.56
C GLU D 107 -25.58 18.64 -10.90
N PHE D 108 -24.59 17.75 -10.85
CA PHE D 108 -23.28 18.16 -10.35
C PHE D 108 -22.61 19.20 -11.24
N VAL D 109 -22.76 19.15 -12.57
CA VAL D 109 -22.22 20.24 -13.43
C VAL D 109 -22.93 21.62 -13.18
N TYR D 110 -24.26 21.57 -13.10
CA TYR D 110 -25.09 22.75 -12.83
C TYR D 110 -24.68 23.54 -11.57
N ILE D 111 -24.51 22.86 -10.45
CA ILE D 111 -24.04 23.49 -9.20
C ILE D 111 -22.66 24.14 -9.22
N THR D 112 -21.77 23.77 -10.14
CA THR D 112 -20.52 24.58 -10.34
C THR D 112 -20.67 25.86 -11.19
N ASP D 113 -21.91 26.18 -11.65
CA ASP D 113 -22.23 27.40 -12.48
C ASP D 113 -21.59 27.38 -13.86
N ASP D 114 -21.40 26.18 -14.41
CA ASP D 114 -20.60 26.02 -15.65
C ASP D 114 -19.14 26.59 -15.59
N THR D 115 -18.54 26.59 -14.38
CA THR D 115 -17.10 26.72 -14.25
C THR D 115 -16.37 25.53 -14.99
N TYR D 116 -16.97 24.36 -15.01
CA TYR D 116 -16.37 23.18 -15.53
C TYR D 116 -17.33 22.49 -16.47
N THR D 117 -16.79 21.74 -17.43
CA THR D 117 -17.65 20.94 -18.29
C THR D 117 -17.99 19.57 -17.67
N LYS D 118 -18.97 18.93 -18.24
CA LYS D 118 -19.32 17.60 -17.85
C LYS D 118 -18.19 16.60 -18.06
N LYS D 119 -17.49 16.74 -19.16
CA LYS D 119 -16.34 15.92 -19.45
C LYS D 119 -15.22 16.08 -18.35
N GLN D 120 -15.00 17.30 -17.87
CA GLN D 120 -14.05 17.57 -16.78
C GLN D 120 -14.46 16.83 -15.49
N VAL D 121 -15.75 16.84 -15.17
CA VAL D 121 -16.25 16.21 -13.96
C VAL D 121 -16.06 14.68 -14.04
N LEU D 122 -16.34 14.07 -15.20
CA LEU D 122 -16.25 12.62 -15.36
C LEU D 122 -14.81 12.16 -15.41
N ARG D 123 -13.94 13.01 -15.96
CA ARG D 123 -12.52 12.73 -16.00
C ARG D 123 -11.98 12.75 -14.57
N MET D 124 -12.31 13.79 -13.81
CA MET D 124 -11.87 13.88 -12.43
C MET D 124 -12.41 12.73 -11.57
N GLU D 125 -13.65 12.30 -11.81
CA GLU D 125 -14.18 11.13 -11.11
C GLU D 125 -13.22 9.94 -11.19
N HIS D 126 -12.82 9.62 -12.40
CA HIS D 126 -11.92 8.52 -12.65
C HIS D 126 -10.52 8.71 -12.02
N LEU D 127 -9.99 9.93 -12.10
CA LEU D 127 -8.73 10.20 -11.43
C LEU D 127 -8.78 10.02 -9.93
N VAL D 128 -9.81 10.52 -9.28
CA VAL D 128 -9.99 10.34 -7.84
C VAL D 128 -10.07 8.83 -7.48
N LEU D 129 -10.86 8.06 -8.21
CA LEU D 129 -10.86 6.58 -8.02
C LEU D 129 -9.47 5.91 -8.13
N LYS D 130 -8.71 6.31 -9.11
CA LYS D 130 -7.37 5.80 -9.32
C LYS D 130 -6.43 6.20 -8.16
N VAL D 131 -6.44 7.46 -7.80
CA VAL D 131 -5.60 7.93 -6.67
C VAL D 131 -5.96 7.27 -5.34
N LEU D 132 -7.23 7.10 -5.04
CA LEU D 132 -7.67 6.38 -3.87
C LEU D 132 -7.68 4.81 -4.00
N ALA D 133 -7.36 4.28 -5.17
CA ALA D 133 -7.41 2.81 -5.44
C ALA D 133 -8.75 2.18 -5.09
N PHE D 134 -9.84 2.88 -5.45
CA PHE D 134 -11.22 2.45 -5.13
C PHE D 134 -11.53 2.21 -3.66
N ASP D 135 -10.70 2.70 -2.74
CA ASP D 135 -10.91 2.47 -1.33
C ASP D 135 -11.85 3.50 -0.72
N LEU D 136 -13.16 3.35 -0.98
CA LEU D 136 -14.18 4.34 -0.61
C LEU D 136 -14.99 4.07 0.65
N ALA D 137 -14.85 2.91 1.26
CA ALA D 137 -15.71 2.54 2.38
C ALA D 137 -15.05 2.99 3.67
N ALA D 138 -14.90 4.29 3.84
CA ALA D 138 -14.18 4.88 4.99
C ALA D 138 -15.08 5.09 6.20
N PRO D 139 -14.52 4.93 7.43
CA PRO D 139 -15.27 5.32 8.65
C PRO D 139 -15.39 6.83 8.77
N THR D 140 -16.52 7.30 9.27
CA THR D 140 -16.80 8.70 9.47
C THR D 140 -17.13 8.97 10.96
N ILE D 141 -17.08 10.25 11.32
CA ILE D 141 -17.64 10.70 12.63
C ILE D 141 -19.04 10.17 12.86
N ASN D 142 -19.92 10.27 11.85
CA ASN D 142 -21.30 9.83 12.01
C ASN D 142 -21.46 8.35 12.28
N GLN D 143 -20.61 7.51 11.68
CA GLN D 143 -20.71 6.08 11.94
C GLN D 143 -20.44 5.72 13.41
N PHE D 144 -19.55 6.46 14.06
CA PHE D 144 -19.29 6.28 15.50
C PHE D 144 -20.41 6.94 16.33
N LEU D 145 -20.82 8.15 15.98
CA LEU D 145 -21.94 8.82 16.68
C LEU D 145 -23.20 7.98 16.81
N THR D 146 -23.63 7.29 15.74
CA THR D 146 -24.90 6.57 15.80
C THR D 146 -24.80 5.33 16.75
N GLN D 147 -23.63 4.70 16.82
CA GLN D 147 -23.33 3.67 17.82
C GLN D 147 -23.33 4.28 19.26
N TYR D 148 -22.68 5.43 19.44
CA TYR D 148 -22.64 6.09 20.77
C TYR D 148 -24.03 6.50 21.30
N PHE D 149 -24.90 6.95 20.39
CA PHE D 149 -26.28 7.29 20.70
C PHE D 149 -27.08 6.15 21.35
N LEU D 150 -26.76 4.90 21.02
CA LEU D 150 -27.42 3.77 21.65
C LEU D 150 -27.18 3.69 23.19
N HIS D 151 -26.16 4.35 23.71
CA HIS D 151 -25.87 4.37 25.16
C HIS D 151 -26.66 5.47 25.94
N GLN D 152 -27.52 6.25 25.29
CA GLN D 152 -28.37 7.20 26.02
C GLN D 152 -29.45 6.51 26.86
N GLN D 153 -29.73 7.06 28.03
CA GLN D 153 -30.72 6.52 28.97
C GLN D 153 -31.61 7.69 29.51
N PRO D 154 -32.73 8.05 28.88
CA PRO D 154 -33.21 7.56 27.57
C PRO D 154 -32.68 8.44 26.43
N ALA D 155 -33.08 8.15 25.19
CA ALA D 155 -32.65 8.92 24.01
C ALA D 155 -33.21 10.33 24.04
N ASN D 156 -32.39 11.33 23.67
CA ASN D 156 -32.79 12.72 23.66
C ASN D 156 -32.50 13.27 22.24
N CYS D 157 -33.54 13.70 21.52
CA CYS D 157 -33.40 14.30 20.17
C CYS D 157 -32.47 15.53 20.04
N LYS D 158 -32.54 16.42 21.03
CA LYS D 158 -31.66 17.57 21.08
C LYS D 158 -30.17 17.18 21.23
N VAL D 159 -29.89 16.19 22.11
CA VAL D 159 -28.52 15.71 22.29
C VAL D 159 -28.01 15.20 20.94
N GLU D 160 -28.82 14.39 20.26
CA GLU D 160 -28.40 13.76 18.98
C GLU D 160 -28.11 14.83 17.90
N SER D 161 -29.06 15.72 17.66
CA SER D 161 -28.85 16.85 16.73
C SER D 161 -27.66 17.77 17.05
N LEU D 162 -27.48 18.11 18.32
CA LEU D 162 -26.38 19.01 18.69
C LEU D 162 -25.00 18.32 18.48
N ALA D 163 -24.89 17.04 18.81
CA ALA D 163 -23.62 16.30 18.58
C ALA D 163 -23.26 16.22 17.06
N MET D 164 -24.29 15.95 16.25
CA MET D 164 -24.17 16.03 14.77
C MET D 164 -23.65 17.38 14.27
N PHE D 165 -24.24 18.47 14.76
CA PHE D 165 -23.81 19.83 14.49
C PHE D 165 -22.35 20.05 14.80
N LEU D 166 -21.92 19.69 16.00
CA LEU D 166 -20.55 19.91 16.39
C LEU D 166 -19.58 19.05 15.56
N GLY D 167 -19.93 17.80 15.27
CA GLY D 167 -19.09 16.93 14.38
C GLY D 167 -18.90 17.59 13.02
N GLU D 168 -19.98 18.16 12.50
CA GLU D 168 -19.98 18.84 11.20
C GLU D 168 -19.07 20.08 11.18
N LEU D 169 -19.11 20.87 12.26
CA LEU D 169 -18.25 22.04 12.36
C LEU D 169 -16.78 21.69 12.22
N SER D 170 -16.41 20.53 12.76
CA SER D 170 -15.01 20.05 12.70
C SER D 170 -14.49 19.83 11.25
N LEU D 171 -15.40 19.52 10.31
CA LEU D 171 -15.02 19.24 8.91
C LEU D 171 -14.44 20.46 8.24
N ILE D 172 -14.89 21.65 8.66
CA ILE D 172 -14.52 22.94 8.00
C ILE D 172 -13.06 23.33 8.23
N ASP D 173 -12.51 22.97 9.40
CA ASP D 173 -11.23 23.49 9.90
C ASP D 173 -10.13 22.40 10.02
N ALA D 174 -9.31 22.25 8.99
CA ALA D 174 -8.23 21.24 8.93
C ALA D 174 -7.22 21.42 10.03
N ASP D 175 -6.93 22.68 10.37
CA ASP D 175 -6.20 23.01 11.61
C ASP D 175 -7.25 23.46 12.64
N PRO D 176 -7.52 22.70 13.71
CA PRO D 176 -6.72 21.56 14.22
C PRO D 176 -7.19 20.12 13.85
N TYR D 177 -8.35 19.96 13.22
CA TYR D 177 -9.08 18.66 13.29
C TYR D 177 -8.44 17.47 12.51
N LEU D 178 -7.58 17.73 11.54
CA LEU D 178 -6.89 16.66 10.82
C LEU D 178 -6.01 15.83 11.78
N LYS D 179 -5.61 16.37 12.93
CA LYS D 179 -4.83 15.58 13.84
C LYS D 179 -5.63 14.62 14.71
N TYR D 180 -6.95 14.74 14.76
CA TYR D 180 -7.77 13.80 15.54
C TYR D 180 -8.52 12.75 14.66
N LEU D 181 -8.63 11.53 15.16
CA LEU D 181 -9.41 10.44 14.50
C LEU D 181 -10.92 10.64 14.62
N PRO D 182 -11.70 10.18 13.61
CA PRO D 182 -13.15 10.32 13.69
C PRO D 182 -13.79 9.80 14.99
N SER D 183 -13.29 8.69 15.54
CA SER D 183 -13.89 8.12 16.75
C SER D 183 -13.71 9.06 18.01
N VAL D 184 -12.61 9.81 18.02
CA VAL D 184 -12.26 10.78 19.05
C VAL D 184 -13.08 12.05 18.89
N ILE D 185 -13.14 12.62 17.68
CA ILE D 185 -14.03 13.77 17.46
C ILE D 185 -15.47 13.46 17.82
N ALA D 186 -15.94 12.27 17.43
CA ALA D 186 -17.31 11.85 17.74
C ALA D 186 -17.54 11.78 19.27
N ALA D 187 -16.53 11.30 20.00
CA ALA D 187 -16.64 11.15 21.48
C ALA D 187 -16.68 12.54 22.16
N ALA D 188 -15.82 13.44 21.74
CA ALA D 188 -15.84 14.81 22.25
C ALA D 188 -17.16 15.53 21.92
N ALA D 189 -17.64 15.32 20.70
CA ALA D 189 -18.92 15.90 20.29
C ALA D 189 -20.09 15.40 21.11
N PHE D 190 -20.11 14.09 21.40
CA PHE D 190 -21.21 13.50 22.17
C PHE D 190 -21.20 14.02 23.62
N HIS D 191 -20.03 14.03 24.25
CA HIS D 191 -19.88 14.61 25.61
C HIS D 191 -20.32 16.10 25.66
N LEU D 192 -19.80 16.93 24.76
CA LEU D 192 -20.14 18.36 24.77
C LEU D 192 -21.66 18.60 24.58
N ALA D 193 -22.32 17.79 23.74
CA ALA D 193 -23.76 17.97 23.49
C ALA D 193 -24.59 17.50 24.69
N LEU D 194 -24.21 16.35 25.21
CA LEU D 194 -24.85 15.79 26.39
C LEU D 194 -24.73 16.78 27.59
N TYR D 195 -23.54 17.32 27.81
CA TYR D 195 -23.30 18.28 28.88
C TYR D 195 -24.15 19.55 28.69
N THR D 196 -24.13 20.12 27.49
CA THR D 196 -24.88 21.34 27.17
C THR D 196 -26.38 21.18 27.41
N VAL D 197 -26.99 20.08 26.97
CA VAL D 197 -28.43 19.87 27.06
C VAL D 197 -28.91 19.33 28.43
N THR D 198 -28.23 18.33 28.99
CA THR D 198 -28.71 17.64 30.19
C THR D 198 -27.83 17.82 31.44
N GLY D 199 -26.67 18.44 31.32
CA GLY D 199 -25.70 18.41 32.39
C GLY D 199 -24.90 17.12 32.62
N GLN D 200 -25.21 16.02 31.93
CA GLN D 200 -24.52 14.75 32.16
C GLN D 200 -23.17 14.69 31.40
N SER D 201 -22.40 13.64 31.69
CA SER D 201 -21.07 13.42 31.12
C SER D 201 -20.89 12.09 30.36
N TRP D 202 -19.80 12.00 29.60
CA TRP D 202 -19.42 10.79 28.87
C TRP D 202 -19.60 9.54 29.76
N PRO D 203 -20.54 8.64 29.40
CA PRO D 203 -20.90 7.56 30.31
C PRO D 203 -19.92 6.40 30.40
N GLU D 204 -19.90 5.77 31.57
CA GLU D 204 -18.98 4.68 31.90
C GLU D 204 -19.08 3.53 30.88
N SER D 205 -20.29 3.23 30.43
CA SER D 205 -20.52 2.20 29.38
C SER D 205 -19.72 2.49 28.06
N LEU D 206 -19.58 3.77 27.69
CA LEU D 206 -18.72 4.16 26.54
C LEU D 206 -17.24 4.19 26.86
N VAL D 207 -16.90 4.45 28.13
CA VAL D 207 -15.52 4.25 28.57
C VAL D 207 -15.11 2.77 28.36
N GLN D 208 -16.03 1.85 28.73
CA GLN D 208 -15.77 0.41 28.55
C GLN D 208 -15.67 -0.02 27.08
N LYS D 209 -16.56 0.51 26.24
CA LYS D 209 -16.58 0.20 24.78
C LYS D 209 -15.35 0.73 24.05
N THR D 210 -15.04 2.01 24.28
CA THR D 210 -14.04 2.72 23.48
C THR D 210 -12.63 2.77 24.03
N GLY D 211 -12.49 2.62 25.36
CA GLY D 211 -11.19 2.89 26.02
C GLY D 211 -10.88 4.39 26.21
N TYR D 212 -11.76 5.29 25.77
CA TYR D 212 -11.55 6.74 25.93
C TYR D 212 -12.13 7.20 27.27
N THR D 213 -11.40 8.09 27.95
CA THR D 213 -11.89 8.77 29.17
C THR D 213 -11.85 10.26 28.92
N LEU D 214 -12.45 11.04 29.81
CA LEU D 214 -12.41 12.49 29.70
C LEU D 214 -10.98 12.96 29.76
N GLU D 215 -10.11 12.20 30.41
CA GLU D 215 -8.66 12.50 30.37
C GLU D 215 -8.06 12.41 28.97
N THR D 216 -8.24 11.29 28.28
CA THR D 216 -7.71 11.15 26.90
C THR D 216 -8.43 12.06 25.88
N LEU D 217 -9.73 12.34 26.09
CA LEU D 217 -10.49 13.24 25.22
C LEU D 217 -10.19 14.74 25.37
N LYS D 218 -9.52 15.12 26.46
CA LYS D 218 -9.43 16.54 26.82
C LYS D 218 -8.86 17.46 25.73
N PRO D 219 -7.74 17.10 25.09
CA PRO D 219 -7.21 18.00 24.04
C PRO D 219 -8.20 18.34 22.88
N CYS D 220 -8.90 17.33 22.36
CA CYS D 220 -9.90 17.50 21.30
C CYS D 220 -11.12 18.30 21.86
N LEU D 221 -11.53 17.96 23.08
CA LEU D 221 -12.64 18.65 23.78
C LEU D 221 -12.39 20.17 23.96
N LEU D 222 -11.18 20.53 24.37
CA LEU D 222 -10.81 21.95 24.48
C LEU D 222 -10.82 22.64 23.12
N ASP D 223 -10.30 22.00 22.06
CA ASP D 223 -10.45 22.55 20.69
C ASP D 223 -11.93 22.71 20.27
N LEU D 224 -12.74 21.65 20.48
CA LEU D 224 -14.16 21.65 20.05
C LEU D 224 -14.99 22.71 20.78
N HIS D 225 -14.75 22.84 22.09
CA HIS D 225 -15.35 23.90 22.91
C HIS D 225 -15.09 25.32 22.35
N GLN D 226 -13.84 25.61 22.00
CA GLN D 226 -13.44 26.90 21.42
C GLN D 226 -14.09 27.11 20.07
N THR D 227 -14.16 26.04 19.26
CA THR D 227 -14.84 26.13 17.97
C THR D 227 -16.31 26.45 18.15
N TYR D 228 -16.97 25.77 19.10
CA TYR D 228 -18.40 26.02 19.42
C TYR D 228 -18.63 27.48 19.86
N LEU D 229 -17.79 27.96 20.78
CA LEU D 229 -17.87 29.37 21.25
C LEU D 229 -17.72 30.39 20.13
N ARG D 230 -16.80 30.14 19.18
CA ARG D 230 -16.51 31.11 18.11
C ARG D 230 -17.36 30.99 16.84
N ALA D 231 -18.27 30.01 16.81
CA ALA D 231 -19.00 29.69 15.58
C ALA D 231 -19.79 30.87 14.99
N PRO D 232 -20.45 31.73 15.84
CA PRO D 232 -21.17 32.87 15.25
C PRO D 232 -20.29 33.87 14.48
N GLN D 233 -18.99 33.91 14.74
CA GLN D 233 -18.04 34.83 14.06
C GLN D 233 -17.25 34.15 12.93
N HIS D 234 -17.32 32.83 12.79
CA HIS D 234 -16.60 32.10 11.69
C HIS D 234 -17.01 32.63 10.33
N ALA D 235 -16.04 32.82 9.41
CA ALA D 235 -16.35 33.21 8.02
C ALA D 235 -17.36 32.30 7.32
N GLN D 236 -17.40 31.02 7.67
CA GLN D 236 -18.31 30.07 7.06
C GLN D 236 -19.50 29.82 7.99
N GLN D 237 -20.73 29.96 7.46
CA GLN D 237 -21.97 29.93 8.24
C GLN D 237 -23.02 28.92 7.76
N SER D 238 -22.76 28.10 6.72
CA SER D 238 -23.86 27.26 6.20
C SER D 238 -24.30 26.19 7.22
N ILE D 239 -23.37 25.70 8.03
CA ILE D 239 -23.71 24.64 9.03
C ILE D 239 -24.63 25.26 10.15
N ARG D 240 -24.26 26.43 10.67
CA ARG D 240 -25.18 27.13 11.61
C ARG D 240 -26.59 27.35 11.02
N GLU D 241 -26.67 27.81 9.76
CA GLU D 241 -27.97 28.06 9.14
C GLU D 241 -28.76 26.76 9.02
N LYS D 242 -28.12 25.70 8.55
CA LYS D 242 -28.75 24.38 8.45
C LYS D 242 -29.37 23.90 9.78
N TYR D 243 -28.61 24.05 10.86
CA TYR D 243 -29.03 23.52 12.18
C TYR D 243 -29.98 24.48 13.00
N LYS D 244 -30.42 25.58 12.35
CA LYS D 244 -31.57 26.40 12.82
C LYS D 244 -32.91 25.78 12.51
N ASN D 245 -32.94 24.94 11.50
CA ASN D 245 -34.17 24.32 11.04
C ASN D 245 -34.78 23.38 12.12
N SER D 246 -36.10 23.28 12.10
CA SER D 246 -36.84 22.44 13.04
C SER D 246 -36.55 20.94 12.85
N LYS D 247 -36.16 20.56 11.63
CA LYS D 247 -35.64 19.21 11.37
C LYS D 247 -34.54 18.80 12.36
N TYR D 248 -33.72 19.77 12.77
CA TYR D 248 -32.62 19.57 13.71
C TYR D 248 -32.87 20.22 15.06
N HIS D 249 -34.16 20.41 15.38
CA HIS D 249 -34.61 20.98 16.66
C HIS D 249 -33.98 22.28 17.05
N GLY D 250 -33.62 23.09 16.03
CA GLY D 250 -33.02 24.38 16.24
C GLY D 250 -31.77 24.46 17.09
N VAL D 251 -31.03 23.35 17.24
CA VAL D 251 -29.89 23.32 18.17
C VAL D 251 -28.79 24.36 17.97
N SER D 252 -28.59 24.90 16.76
CA SER D 252 -27.53 25.93 16.61
C SER D 252 -27.89 27.26 17.34
N LEU D 253 -29.16 27.42 17.76
CA LEU D 253 -29.61 28.57 18.56
C LEU D 253 -29.33 28.46 20.08
N LEU D 254 -29.01 27.26 20.58
CA LEU D 254 -28.68 27.07 22.00
C LEU D 254 -27.38 27.77 22.31
N ASN D 255 -27.21 28.22 23.56
CA ASN D 255 -25.99 28.90 24.01
C ASN D 255 -25.00 27.85 24.49
N PRO D 256 -23.74 27.93 24.00
CA PRO D 256 -22.72 26.99 24.52
C PRO D 256 -22.46 27.24 26.04
N PRO D 257 -21.98 26.23 26.77
CA PRO D 257 -21.61 26.45 28.15
C PRO D 257 -20.33 27.28 28.18
N GLU D 258 -20.19 28.16 29.18
CA GLU D 258 -19.01 29.01 29.28
C GLU D 258 -17.82 28.20 29.79
N THR D 259 -18.06 27.19 30.64
CA THR D 259 -16.98 26.35 31.14
C THR D 259 -17.40 24.89 31.18
N LEU D 260 -16.39 24.03 31.22
CA LEU D 260 -16.58 22.58 31.15
C LEU D 260 -16.45 21.85 32.50
N ASN D 261 -15.75 22.45 33.47
CA ASN D 261 -15.57 21.87 34.81
C ASN D 261 -14.93 20.48 34.74
N VAL D 262 -13.70 20.48 34.26
CA VAL D 262 -12.93 19.27 33.93
C VAL D 262 -11.76 19.03 34.89
N5' SU9 E . 13.83 21.41 -15.35
C4' SU9 E . 14.15 22.62 -15.79
N3' SU9 E . 15.32 22.52 -16.39
C2' SU9 E . 15.67 21.21 -16.51
C1' SU9 E . 14.76 20.48 -15.78
C6' SU9 E . 14.79 19.11 -15.58
C9 SU9 E . 14.04 18.40 -14.67
C8 SU9 E . 12.86 18.78 -13.83
O10 SU9 E . 12.29 19.89 -13.74
N7 SU9 E . 12.55 17.70 -13.06
C5 SU9 E . 13.37 16.60 -13.37
C6 SU9 E . 13.37 15.33 -12.83
C1 SU9 E . 14.35 14.44 -13.27
C2 SU9 E . 15.28 14.81 -14.23
O11 SU9 E . 16.16 13.82 -14.63
C12 SU9 E . 17.14 14.16 -15.59
C3 SU9 E . 15.29 16.09 -14.75
C4 SU9 E . 14.32 16.99 -14.32
N5' SU9 F . -17.77 -19.83 -12.91
C4' SU9 F . -18.14 -20.80 -13.74
N3' SU9 F . -19.42 -20.62 -14.05
C2' SU9 F . -19.85 -19.50 -13.39
C1' SU9 F . -18.72 -18.81 -12.94
C6' SU9 F . -18.65 -17.45 -12.70
C9 SU9 F . -17.68 -16.77 -11.98
C8 SU9 F . -16.31 -17.24 -11.56
O10 SU9 F . -15.77 -18.32 -11.86
N7 SU9 F . -15.78 -16.26 -10.77
C5 SU9 F . -16.65 -15.17 -10.65
C6 SU9 F . -16.44 -14.00 -9.96
C1 SU9 F . -17.48 -13.05 -9.96
C2 SU9 F . -18.69 -13.29 -10.66
O11 SU9 F . -19.58 -12.24 -10.57
C12 SU9 F . -20.81 -12.27 -11.31
C3 SU9 F . -18.86 -14.48 -11.39
C4 SU9 F . -17.83 -15.43 -11.37
#